data_6BII
#
_entry.id   6BII
#
_cell.length_a   141.063
_cell.length_b   141.063
_cell.length_c   260.792
_cell.angle_alpha   90.000
_cell.angle_beta   90.000
_cell.angle_gamma   120.000
#
_symmetry.space_group_name_H-M   'P 62 2 2'
#
loop_
_entity.id
_entity.type
_entity.pdbx_description
1 polymer 'Glyoxylate reductase'
2 non-polymer 'NADP NICOTINAMIDE-ADENINE-DINUCLEOTIDE PHOSPHATE'
3 non-polymer 'MALONATE ION'
4 non-polymer GLYCEROL
5 water water
#
_entity_poly.entity_id   1
_entity_poly.type   'polypeptide(L)'
_entity_poly.pdbx_seq_one_letter_code
;MKPKVLITRAIPENGIELLREHFEVEVWEHEHEIPREVLLEKVKDVDALVTMLSEKIDREVFDAAPRLRIVANYAVGYDN
IDIEEATKRGIYVTNTPDVLTDATADLAWALLLAAARHVVKGDKFVRSGEWKRRGIAWHPKMFLGYDVYGKTIGIVGFGR
IGQAIAKRAKGFGMRILYTARSRKPEAEKELGAEFKPLEELLRESDFVVLAVPLTKETYHMINEERLRLMKPTAVLVNVA
RGKVVDTKALIRALKEGWIAAAGLDVFEEEPYYDEELFALDNVVLTPHIGSATFGAREGMAELVAKNLIAFKNGEVPPTL
VNREVLKVRRPGF
;
_entity_poly.pdbx_strand_id   A,B
#
# COMPACT_ATOMS: atom_id res chain seq x y z
N LYS A 2 -35.86 -24.48 22.60
CA LYS A 2 -34.69 -24.11 21.70
C LYS A 2 -34.40 -22.61 21.71
N PRO A 3 -33.18 -22.20 22.13
CA PRO A 3 -32.99 -20.77 22.40
C PRO A 3 -33.04 -19.91 21.14
N LYS A 4 -33.47 -18.66 21.29
CA LYS A 4 -33.63 -17.75 20.16
C LYS A 4 -32.46 -16.80 20.09
N VAL A 5 -31.95 -16.58 18.88
CA VAL A 5 -30.89 -15.60 18.63
C VAL A 5 -31.34 -14.66 17.52
N LEU A 6 -31.13 -13.35 17.74
CA LEU A 6 -31.24 -12.36 16.67
C LEU A 6 -29.83 -11.99 16.23
N ILE A 7 -29.59 -12.05 14.92
CA ILE A 7 -28.33 -11.66 14.29
C ILE A 7 -28.69 -10.37 13.54
N THR A 8 -28.02 -9.27 13.90
CA THR A 8 -28.40 -7.94 13.45
C THR A 8 -27.90 -7.52 12.06
N ARG A 9 -27.30 -8.43 11.32
CA ARG A 9 -26.74 -8.15 10.00
C ARG A 9 -26.56 -9.42 9.20
N ALA A 10 -26.49 -9.28 7.89
CA ALA A 10 -26.33 -10.43 6.99
C ALA A 10 -24.87 -10.87 6.96
N ILE A 11 -24.45 -11.54 8.03
CA ILE A 11 -23.09 -12.09 8.12
C ILE A 11 -22.96 -13.32 7.21
N PRO A 12 -21.72 -13.79 6.96
CA PRO A 12 -21.55 -14.97 6.09
C PRO A 12 -22.33 -16.20 6.53
N GLU A 13 -22.82 -16.93 5.54
CA GLU A 13 -23.75 -18.04 5.72
C GLU A 13 -23.19 -19.16 6.58
N ASN A 14 -21.88 -19.37 6.58
CA ASN A 14 -21.27 -20.40 7.43
C ASN A 14 -21.69 -20.22 8.91
N GLY A 15 -21.69 -18.98 9.38
CA GLY A 15 -22.03 -18.68 10.75
C GLY A 15 -23.51 -18.84 11.00
N ILE A 16 -24.31 -18.31 10.08
CA ILE A 16 -25.75 -18.38 10.23
C ILE A 16 -26.21 -19.85 10.26
N GLU A 17 -25.71 -20.64 9.31
CA GLU A 17 -26.07 -22.06 9.19
C GLU A 17 -25.69 -22.90 10.39
N LEU A 18 -24.52 -22.63 10.95
CA LEU A 18 -24.08 -23.33 12.14
C LEU A 18 -24.99 -22.99 13.32
N LEU A 19 -25.35 -21.71 13.45
CA LEU A 19 -26.30 -21.31 14.50
C LEU A 19 -27.68 -21.93 14.34
N ARG A 20 -28.14 -22.08 13.10
CA ARG A 20 -29.45 -22.71 12.84
C ARG A 20 -29.56 -24.15 13.34
N GLU A 21 -28.43 -24.85 13.46
CA GLU A 21 -28.42 -26.20 14.02
C GLU A 21 -28.74 -26.23 15.53
N HIS A 22 -28.58 -25.11 16.23
CA HIS A 22 -28.72 -25.08 17.69
C HIS A 22 -29.65 -24.01 18.23
N PHE A 23 -30.05 -23.07 17.40
CA PHE A 23 -30.89 -21.95 17.82
C PHE A 23 -32.00 -21.79 16.79
N GLU A 24 -33.07 -21.16 17.23
CA GLU A 24 -34.02 -20.51 16.34
C GLU A 24 -33.41 -19.16 15.98
N VAL A 25 -33.17 -18.93 14.69
CA VAL A 25 -32.40 -17.79 14.25
C VAL A 25 -33.27 -16.79 13.50
N GLU A 26 -33.24 -15.52 13.91
CA GLU A 26 -33.74 -14.42 13.06
C GLU A 26 -32.53 -13.61 12.61
N VAL A 27 -32.53 -13.25 11.33
CA VAL A 27 -31.46 -12.43 10.73
C VAL A 27 -32.07 -11.13 10.20
N TRP A 28 -31.48 -10.02 10.54
CA TRP A 28 -31.82 -8.74 9.94
C TRP A 28 -31.10 -8.69 8.59
N GLU A 29 -31.84 -8.82 7.51
CA GLU A 29 -31.24 -9.07 6.19
C GLU A 29 -31.11 -7.84 5.34
N HIS A 30 -31.59 -6.70 5.81
CA HIS A 30 -31.66 -5.49 5.00
C HIS A 30 -30.28 -4.79 4.83
N GLU A 31 -30.16 -3.98 3.79
CA GLU A 31 -28.92 -3.25 3.54
C GLU A 31 -28.66 -2.25 4.65
N HIS A 32 -29.68 -1.46 4.98
CA HIS A 32 -29.54 -0.51 6.10
C HIS A 32 -29.42 -1.22 7.45
N GLU A 33 -28.70 -0.58 8.37
CA GLU A 33 -28.56 -1.06 9.74
C GLU A 33 -29.94 -1.11 10.40
N ILE A 34 -30.06 -2.00 11.36
CA ILE A 34 -31.33 -2.18 12.06
C ILE A 34 -31.68 -0.87 12.81
N PRO A 35 -32.89 -0.32 12.59
CA PRO A 35 -33.23 0.87 13.35
C PRO A 35 -33.26 0.58 14.83
N ARG A 36 -32.91 1.60 15.61
CA ARG A 36 -32.88 1.50 17.07
C ARG A 36 -34.22 1.03 17.66
N GLU A 37 -35.33 1.62 17.22
CA GLU A 37 -36.68 1.26 17.70
C GLU A 37 -36.98 -0.19 17.34
N VAL A 38 -36.50 -0.64 16.17
CA VAL A 38 -36.73 -2.02 15.72
C VAL A 38 -35.90 -3.00 16.57
N LEU A 39 -34.65 -2.65 16.83
CA LEU A 39 -33.80 -3.46 17.71
C LEU A 39 -34.47 -3.65 19.09
N LEU A 40 -34.91 -2.56 19.71
CA LEU A 40 -35.52 -2.62 21.03
C LEU A 40 -36.79 -3.46 21.07
N GLU A 41 -37.52 -3.50 19.97
CA GLU A 41 -38.69 -4.37 19.85
C GLU A 41 -38.28 -5.85 19.71
N LYS A 42 -37.33 -6.14 18.82
CA LYS A 42 -36.94 -7.53 18.55
C LYS A 42 -36.20 -8.23 19.69
N VAL A 43 -35.44 -7.48 20.49
CA VAL A 43 -34.70 -8.09 21.62
C VAL A 43 -35.56 -8.60 22.76
N LYS A 44 -36.84 -8.21 22.78
CA LYS A 44 -37.72 -8.57 23.90
C LYS A 44 -37.74 -10.08 24.19
N ASP A 45 -37.69 -10.86 23.13
CA ASP A 45 -37.95 -12.28 23.10
C ASP A 45 -36.65 -13.15 23.05
N VAL A 46 -35.49 -12.53 22.86
CA VAL A 46 -34.25 -13.30 22.54
C VAL A 46 -33.45 -13.78 23.77
N ASP A 47 -32.82 -14.93 23.62
CA ASP A 47 -31.87 -15.46 24.58
C ASP A 47 -30.43 -15.03 24.27
N ALA A 48 -30.17 -14.74 23.00
CA ALA A 48 -28.83 -14.39 22.52
C ALA A 48 -28.90 -13.37 21.40
N LEU A 49 -27.79 -12.65 21.23
CA LEU A 49 -27.63 -11.67 20.15
C LEU A 49 -26.30 -11.85 19.48
N VAL A 50 -26.30 -11.68 18.15
CA VAL A 50 -25.10 -11.39 17.41
C VAL A 50 -25.22 -9.95 16.88
N THR A 51 -24.29 -9.10 17.29
CA THR A 51 -24.35 -7.66 17.04
C THR A 51 -23.19 -7.17 16.21
N MET A 52 -23.38 -6.07 15.49
CA MET A 52 -22.31 -5.40 14.81
C MET A 52 -21.86 -4.18 15.64
N LEU A 53 -20.72 -3.57 15.28
CA LEU A 53 -20.23 -2.36 15.93
C LEU A 53 -21.28 -1.25 15.91
N SER A 54 -22.19 -1.31 14.94
CA SER A 54 -23.20 -0.28 14.76
C SER A 54 -24.30 -0.33 15.81
N GLU A 55 -24.50 -1.43 16.52
CA GLU A 55 -25.55 -1.51 17.54
C GLU A 55 -24.98 -1.14 18.92
N LYS A 56 -25.61 -0.16 19.57
CA LYS A 56 -25.23 0.25 20.93
C LYS A 56 -25.95 -0.61 21.94
N ILE A 57 -25.23 -1.55 22.52
CA ILE A 57 -25.81 -2.49 23.47
C ILE A 57 -25.57 -1.93 24.86
N ASP A 58 -26.56 -1.17 25.35
CA ASP A 58 -26.47 -0.37 26.58
C ASP A 58 -27.58 -0.78 27.58
N ARG A 59 -27.63 -0.08 28.71
CA ARG A 59 -28.63 -0.36 29.75
C ARG A 59 -30.03 -0.49 29.15
N GLU A 60 -30.39 0.44 28.26
CA GLU A 60 -31.71 0.43 27.60
C GLU A 60 -32.01 -0.89 26.87
N VAL A 61 -31.02 -1.41 26.14
CA VAL A 61 -31.20 -2.69 25.46
C VAL A 61 -31.35 -3.83 26.45
N PHE A 62 -30.51 -3.84 27.49
CA PHE A 62 -30.58 -4.91 28.48
C PHE A 62 -31.92 -4.89 29.19
N ASP A 63 -32.41 -3.68 29.51
CA ASP A 63 -33.74 -3.56 30.14
C ASP A 63 -34.85 -4.07 29.24
N ALA A 64 -34.70 -3.92 27.92
CA ALA A 64 -35.70 -4.46 26.98
C ALA A 64 -35.62 -5.98 26.74
N ALA A 65 -34.55 -6.64 27.16
CA ALA A 65 -34.28 -8.03 26.78
C ALA A 65 -34.11 -8.88 28.05
N PRO A 66 -35.21 -9.18 28.72
CA PRO A 66 -35.10 -9.86 30.00
C PRO A 66 -34.50 -11.26 29.92
N ARG A 67 -34.61 -11.96 28.80
CA ARG A 67 -34.08 -13.31 28.67
C ARG A 67 -32.63 -13.34 28.14
N LEU A 68 -32.05 -12.17 27.83
CA LEU A 68 -30.76 -12.11 27.12
C LEU A 68 -29.63 -12.57 28.03
N ARG A 69 -28.89 -13.62 27.63
CA ARG A 69 -27.78 -14.15 28.44
C ARG A 69 -26.38 -13.96 27.83
N ILE A 70 -26.31 -13.73 26.51
CA ILE A 70 -25.02 -13.65 25.82
C ILE A 70 -25.12 -12.78 24.57
N VAL A 71 -24.12 -11.91 24.41
CA VAL A 71 -24.00 -11.03 23.24
C VAL A 71 -22.67 -11.35 22.60
N ALA A 72 -22.72 -11.82 21.35
CA ALA A 72 -21.51 -12.07 20.58
C ALA A 72 -21.32 -10.94 19.58
N ASN A 73 -20.32 -10.09 19.80
CA ASN A 73 -20.01 -8.99 18.87
C ASN A 73 -19.30 -9.57 17.67
N TYR A 74 -19.78 -9.21 16.48
CA TYR A 74 -19.15 -9.55 15.21
C TYR A 74 -18.11 -8.45 14.94
N ALA A 75 -17.08 -8.47 15.77
CA ALA A 75 -16.06 -7.41 15.84
C ALA A 75 -15.05 -7.79 16.92
N VAL A 76 -13.78 -7.39 16.78
CA VAL A 76 -12.82 -7.54 17.91
C VAL A 76 -12.95 -6.39 18.92
N GLY A 77 -13.26 -5.20 18.40
CA GLY A 77 -13.67 -4.07 19.25
C GLY A 77 -14.98 -4.36 19.95
N TYR A 78 -15.15 -3.80 21.15
CA TYR A 78 -16.40 -3.93 21.90
C TYR A 78 -16.81 -2.66 22.62
N ASP A 79 -16.31 -1.52 22.13
CA ASP A 79 -16.65 -0.21 22.70
C ASP A 79 -18.13 0.12 22.52
N ASN A 80 -18.83 -0.58 21.63
CA ASN A 80 -20.28 -0.40 21.47
C ASN A 80 -21.12 -1.12 22.52
N ILE A 81 -20.49 -1.90 23.40
CA ILE A 81 -21.23 -2.67 24.41
C ILE A 81 -20.88 -2.17 25.80
N ASP A 82 -21.88 -1.99 26.64
CA ASP A 82 -21.66 -1.66 28.06
C ASP A 82 -21.29 -2.93 28.85
N ILE A 83 -20.00 -3.19 28.90
CA ILE A 83 -19.44 -4.43 29.44
C ILE A 83 -19.71 -4.55 30.95
N GLU A 84 -19.49 -3.47 31.67
CA GLU A 84 -19.71 -3.45 33.13
C GLU A 84 -21.19 -3.75 33.47
N GLU A 85 -22.11 -3.14 32.73
CA GLU A 85 -23.53 -3.43 32.95
C GLU A 85 -23.89 -4.89 32.59
N ALA A 86 -23.29 -5.40 31.51
CA ALA A 86 -23.48 -6.81 31.13
C ALA A 86 -23.04 -7.75 32.28
N THR A 87 -21.85 -7.49 32.81
CA THR A 87 -21.28 -8.31 33.89
C THR A 87 -22.21 -8.35 35.11
N LYS A 88 -22.67 -7.18 35.51
CA LYS A 88 -23.56 -7.01 36.67
C LYS A 88 -24.82 -7.89 36.50
N ARG A 89 -25.33 -7.94 35.27
CA ARG A 89 -26.50 -8.75 34.95
C ARG A 89 -26.23 -10.21 34.61
N GLY A 90 -24.98 -10.66 34.71
CA GLY A 90 -24.65 -12.02 34.35
C GLY A 90 -24.66 -12.31 32.86
N ILE A 91 -24.55 -11.26 32.05
CA ILE A 91 -24.58 -11.41 30.60
C ILE A 91 -23.13 -11.53 30.06
N TYR A 92 -22.90 -12.60 29.31
CA TYR A 92 -21.60 -12.89 28.73
C TYR A 92 -21.44 -12.08 27.45
N VAL A 93 -20.26 -11.52 27.22
CA VAL A 93 -19.97 -10.77 25.99
C VAL A 93 -18.74 -11.39 25.33
N THR A 94 -18.85 -11.69 24.04
CA THR A 94 -17.75 -12.25 23.26
C THR A 94 -17.40 -11.37 22.07
N ASN A 95 -16.19 -11.55 21.54
CA ASN A 95 -15.71 -10.78 20.40
C ASN A 95 -15.01 -11.71 19.38
N THR A 96 -14.40 -11.13 18.34
CA THR A 96 -13.76 -11.92 17.27
C THR A 96 -12.30 -11.52 17.05
N PRO A 97 -11.42 -11.81 18.03
CA PRO A 97 -10.01 -11.57 17.86
C PRO A 97 -9.39 -12.56 16.88
N ASP A 98 -8.20 -12.23 16.38
CA ASP A 98 -7.30 -13.11 15.64
C ASP A 98 -7.71 -13.38 14.18
N VAL A 99 -8.97 -13.78 13.98
CA VAL A 99 -9.47 -14.13 12.66
C VAL A 99 -9.43 -12.99 11.64
N LEU A 100 -9.37 -11.76 12.11
CA LEU A 100 -9.36 -10.55 11.28
C LEU A 100 -8.03 -9.79 11.34
N THR A 101 -7.04 -10.33 12.03
CA THR A 101 -5.79 -9.62 12.28
C THR A 101 -5.07 -9.33 10.97
N ASP A 102 -4.91 -10.34 10.12
CA ASP A 102 -4.15 -10.17 8.90
C ASP A 102 -4.82 -9.27 7.88
N ALA A 103 -6.14 -9.33 7.78
CA ALA A 103 -6.85 -8.39 6.92
C ALA A 103 -6.63 -6.95 7.38
N THR A 104 -6.77 -6.70 8.67
CA THR A 104 -6.65 -5.34 9.19
C THR A 104 -5.22 -4.78 9.07
N ALA A 105 -4.24 -5.61 9.41
CA ALA A 105 -2.83 -5.22 9.26
C ALA A 105 -2.43 -4.98 7.79
N ASP A 106 -2.93 -5.81 6.87
CA ASP A 106 -2.72 -5.57 5.42
C ASP A 106 -3.30 -4.19 5.03
N LEU A 107 -4.51 -3.89 5.50
CA LEU A 107 -5.15 -2.61 5.16
C LEU A 107 -4.35 -1.42 5.73
N ALA A 108 -3.83 -1.56 6.96
CA ALA A 108 -3.01 -0.51 7.55
C ALA A 108 -1.80 -0.21 6.67
N TRP A 109 -1.18 -1.28 6.17
CA TRP A 109 -0.04 -1.14 5.28
C TRP A 109 -0.44 -0.51 3.92
N ALA A 110 -1.61 -0.86 3.42
CA ALA A 110 -2.14 -0.26 2.20
C ALA A 110 -2.27 1.27 2.34
N LEU A 111 -2.82 1.68 3.46
CA LEU A 111 -2.99 3.09 3.77
C LEU A 111 -1.67 3.82 3.95
N LEU A 112 -0.75 3.20 4.69
CA LEU A 112 0.57 3.78 4.91
C LEU A 112 1.25 4.13 3.58
N LEU A 113 1.32 3.13 2.69
CA LEU A 113 2.00 3.29 1.42
C LEU A 113 1.25 4.24 0.47
N ALA A 114 -0.06 4.17 0.46
CA ALA A 114 -0.84 5.07 -0.42
C ALA A 114 -0.64 6.53 -0.01
N ALA A 115 -0.69 6.80 1.29
CA ALA A 115 -0.50 8.15 1.78
C ALA A 115 0.93 8.61 1.58
N ALA A 116 1.88 7.73 1.78
CA ALA A 116 3.29 8.07 1.61
C ALA A 116 3.67 8.46 0.19
N ARG A 117 3.05 7.79 -0.80
CA ARG A 117 3.46 7.90 -2.19
C ARG A 117 2.42 8.50 -3.15
N HIS A 118 1.39 9.11 -2.59
CA HIS A 118 0.37 9.85 -3.34
C HIS A 118 -0.41 8.99 -4.34
N VAL A 119 -0.71 7.74 -3.97
CA VAL A 119 -1.40 6.82 -4.90
C VAL A 119 -2.80 7.28 -5.31
N VAL A 120 -3.59 7.77 -4.38
CA VAL A 120 -4.94 8.23 -4.67
C VAL A 120 -4.95 9.48 -5.57
N LYS A 121 -4.13 10.45 -5.22
CA LYS A 121 -4.01 11.67 -6.00
C LYS A 121 -3.46 11.36 -7.39
N GLY A 122 -2.48 10.48 -7.45
CA GLY A 122 -1.89 10.06 -8.71
C GLY A 122 -2.89 9.39 -9.63
N ASP A 123 -3.69 8.49 -9.06
CA ASP A 123 -4.70 7.81 -9.83
C ASP A 123 -5.68 8.80 -10.46
N LYS A 124 -6.15 9.76 -9.68
CA LYS A 124 -7.11 10.73 -10.22
C LYS A 124 -6.47 11.59 -11.33
N PHE A 125 -5.20 11.96 -11.10
CA PHE A 125 -4.42 12.71 -12.11
C PHE A 125 -4.36 11.97 -13.46
N VAL A 126 -4.17 10.66 -13.41
CA VAL A 126 -4.14 9.84 -14.66
C VAL A 126 -5.54 9.64 -15.22
N ARG A 127 -6.43 9.15 -14.36
CA ARG A 127 -7.77 8.72 -14.75
C ARG A 127 -8.61 9.82 -15.37
N SER A 128 -8.45 11.05 -14.86
CA SER A 128 -9.20 12.21 -15.38
C SER A 128 -8.72 12.67 -16.74
N GLY A 129 -7.57 12.17 -17.17
CA GLY A 129 -6.94 12.66 -18.40
C GLY A 129 -6.03 13.85 -18.19
N GLU A 130 -5.92 14.35 -16.94
CA GLU A 130 -5.09 15.54 -16.69
C GLU A 130 -3.61 15.27 -17.08
N TRP A 131 -3.08 14.10 -16.73
CA TRP A 131 -1.71 13.73 -17.09
C TRP A 131 -1.49 13.88 -18.59
N LYS A 132 -2.38 13.28 -19.35
CA LYS A 132 -2.30 13.36 -20.79
C LYS A 132 -2.47 14.78 -21.31
N ARG A 133 -3.46 15.49 -20.80
CA ARG A 133 -3.74 16.84 -21.28
C ARG A 133 -2.55 17.77 -21.04
N ARG A 134 -1.88 17.65 -19.91
CA ARG A 134 -0.67 18.46 -19.64
C ARG A 134 0.53 18.10 -20.51
N GLY A 135 0.55 16.89 -21.06
CA GLY A 135 1.49 16.55 -22.12
C GLY A 135 2.90 16.17 -21.66
N ILE A 136 3.10 16.00 -20.38
CA ILE A 136 4.41 15.69 -19.83
C ILE A 136 4.37 14.27 -19.27
N ALA A 137 5.22 13.42 -19.80
CA ALA A 137 5.29 12.02 -19.39
C ALA A 137 5.83 11.85 -17.97
N TRP A 138 6.96 12.48 -17.73
CA TRP A 138 7.80 12.19 -16.57
C TRP A 138 8.60 13.43 -16.22
N HIS A 139 8.83 13.67 -14.94
CA HIS A 139 9.60 14.84 -14.50
C HIS A 139 10.28 14.46 -13.19
N PRO A 140 11.54 14.87 -13.02
CA PRO A 140 12.28 14.58 -11.78
C PRO A 140 11.61 15.03 -10.46
N LYS A 141 10.71 16.02 -10.51
CA LYS A 141 10.01 16.52 -9.31
C LYS A 141 8.52 16.13 -9.26
N MET A 142 8.05 15.25 -10.15
CA MET A 142 6.61 14.93 -10.20
C MET A 142 6.24 13.95 -9.08
N PHE A 143 5.31 14.35 -8.20
CA PHE A 143 4.69 13.46 -7.21
C PHE A 143 5.72 12.85 -6.22
N LEU A 144 6.71 13.62 -5.83
CA LEU A 144 7.70 13.12 -4.87
C LEU A 144 7.03 12.78 -3.56
N GLY A 145 7.26 11.57 -3.10
CA GLY A 145 6.73 11.12 -1.82
C GLY A 145 7.83 10.66 -0.85
N TYR A 146 7.41 9.95 0.19
CA TYR A 146 8.27 9.62 1.31
C TYR A 146 8.79 8.19 1.20
N ASP A 147 10.09 8.04 1.42
CA ASP A 147 10.73 6.74 1.56
C ASP A 147 10.13 6.01 2.76
N VAL A 148 9.94 4.70 2.63
CA VAL A 148 9.46 3.86 3.74
C VAL A 148 10.54 2.88 4.23
N TYR A 149 11.21 2.20 3.31
CA TYR A 149 12.23 1.25 3.66
C TYR A 149 13.26 1.88 4.57
N GLY A 150 13.58 1.19 5.67
CA GLY A 150 14.61 1.63 6.59
C GLY A 150 14.24 2.77 7.54
N LYS A 151 13.05 3.33 7.42
CA LYS A 151 12.62 4.40 8.28
C LYS A 151 12.09 3.84 9.61
N THR A 152 11.64 4.75 10.48
CA THR A 152 11.12 4.38 11.76
C THR A 152 9.61 4.37 11.79
N ILE A 153 9.05 3.24 12.21
CA ILE A 153 7.62 3.09 12.40
C ILE A 153 7.34 3.04 13.91
N GLY A 154 6.30 3.77 14.32
CA GLY A 154 5.84 3.82 15.72
C GLY A 154 4.42 3.29 15.78
N ILE A 155 4.23 2.20 16.50
CA ILE A 155 2.97 1.49 16.49
C ILE A 155 2.33 1.68 17.87
N VAL A 156 1.17 2.32 17.87
CA VAL A 156 0.49 2.73 19.09
C VAL A 156 -0.58 1.69 19.39
N GLY A 157 -0.33 0.88 20.42
CA GLY A 157 -1.10 -0.33 20.67
C GLY A 157 -0.34 -1.52 20.07
N PHE A 158 0.05 -2.47 20.90
CA PHE A 158 0.94 -3.55 20.43
C PHE A 158 0.39 -4.89 20.85
N GLY A 159 -0.88 -5.10 20.50
CA GLY A 159 -1.56 -6.35 20.66
C GLY A 159 -1.52 -7.14 19.36
N ARG A 160 -2.61 -7.79 19.04
CA ARG A 160 -2.67 -8.68 17.89
C ARG A 160 -2.44 -7.92 16.58
N ILE A 161 -3.14 -6.81 16.39
CA ILE A 161 -3.05 -6.07 15.13
C ILE A 161 -1.75 -5.26 15.06
N GLY A 162 -1.40 -4.60 16.16
CA GLY A 162 -0.14 -3.89 16.20
C GLY A 162 1.08 -4.74 15.89
N GLN A 163 1.14 -5.94 16.51
CA GLN A 163 2.27 -6.81 16.26
C GLN A 163 2.30 -7.32 14.82
N ALA A 164 1.12 -7.55 14.26
CA ALA A 164 1.05 -7.91 12.82
C ALA A 164 1.56 -6.80 11.90
N ILE A 165 1.26 -5.56 12.26
CA ILE A 165 1.78 -4.40 11.54
C ILE A 165 3.31 -4.38 11.61
N ALA A 166 3.85 -4.70 12.79
CA ALA A 166 5.30 -4.81 12.96
C ALA A 166 5.94 -5.93 12.13
N LYS A 167 5.28 -7.10 12.03
CA LYS A 167 5.83 -8.20 11.20
C LYS A 167 6.02 -7.71 9.76
N ARG A 168 5.03 -7.02 9.24
CA ARG A 168 5.14 -6.46 7.88
C ARG A 168 6.27 -5.42 7.80
N ALA A 169 6.40 -4.58 8.82
CA ALA A 169 7.46 -3.53 8.86
C ALA A 169 8.87 -4.12 8.76
N LYS A 170 9.02 -5.34 9.27
CA LYS A 170 10.29 -6.02 9.22
C LYS A 170 10.70 -6.30 7.78
N GLY A 171 9.73 -6.61 6.92
CA GLY A 171 10.00 -6.74 5.50
C GLY A 171 10.50 -5.45 4.86
N PHE A 172 10.10 -4.32 5.42
CA PHE A 172 10.55 -3.00 4.99
C PHE A 172 11.79 -2.53 5.75
N GLY A 173 12.48 -3.42 6.46
CA GLY A 173 13.74 -3.08 7.13
C GLY A 173 13.64 -1.94 8.14
N MET A 174 12.50 -1.76 8.77
CA MET A 174 12.26 -0.57 9.58
C MET A 174 12.78 -0.69 11.01
N ARG A 175 13.07 0.44 11.62
CA ARG A 175 13.23 0.49 13.07
C ARG A 175 11.82 0.52 13.64
N ILE A 176 11.52 -0.36 14.59
CA ILE A 176 10.17 -0.56 15.07
C ILE A 176 10.06 -0.12 16.54
N LEU A 177 9.24 0.90 16.78
CA LEU A 177 8.93 1.36 18.12
C LEU A 177 7.50 1.01 18.41
N TYR A 178 7.18 0.75 19.68
CA TYR A 178 5.79 0.54 20.05
C TYR A 178 5.49 1.16 21.39
N THR A 179 4.21 1.43 21.62
CA THR A 179 3.77 1.71 22.97
C THR A 179 2.52 0.91 23.26
N ALA A 180 2.33 0.61 24.53
CA ALA A 180 1.19 -0.17 25.00
C ALA A 180 1.10 0.06 26.50
N ARG A 181 0.04 -0.41 27.11
CA ARG A 181 -0.07 -0.31 28.58
C ARG A 181 0.87 -1.23 29.35
N SER A 182 1.41 -2.25 28.68
CA SER A 182 2.40 -3.15 29.28
C SER A 182 3.47 -3.52 28.26
N ARG A 183 4.65 -3.86 28.76
N ARG A 183 4.65 -3.84 28.76
CA ARG A 183 5.76 -4.24 27.90
CA ARG A 183 5.77 -4.25 27.91
C ARG A 183 5.50 -5.65 27.42
C ARG A 183 5.50 -5.65 27.41
N LYS A 184 6.05 -5.95 26.24
CA LYS A 184 5.82 -7.20 25.53
C LYS A 184 7.19 -7.81 25.20
N PRO A 185 7.85 -8.41 26.20
CA PRO A 185 9.23 -8.83 25.96
C PRO A 185 9.39 -9.94 24.91
N GLU A 186 8.41 -10.83 24.75
CA GLU A 186 8.51 -11.87 23.73
C GLU A 186 8.36 -11.24 22.34
N ALA A 187 7.45 -10.29 22.17
CA ALA A 187 7.35 -9.59 20.91
C ALA A 187 8.59 -8.76 20.60
N GLU A 188 9.21 -8.18 21.62
CA GLU A 188 10.44 -7.40 21.41
C GLU A 188 11.53 -8.29 20.81
N LYS A 189 11.69 -9.46 21.42
CA LYS A 189 12.69 -10.42 20.98
C LYS A 189 12.35 -10.92 19.56
N GLU A 190 11.10 -11.24 19.30
CA GLU A 190 10.74 -11.85 18.02
C GLU A 190 10.77 -10.82 16.91
N LEU A 191 10.33 -9.60 17.16
CA LEU A 191 10.09 -8.60 16.07
C LEU A 191 11.16 -7.53 16.00
N GLY A 192 12.05 -7.48 16.99
CA GLY A 192 13.03 -6.40 17.12
C GLY A 192 12.42 -5.04 17.47
N ALA A 193 11.31 -5.06 18.20
CA ALA A 193 10.56 -3.87 18.52
C ALA A 193 11.05 -3.28 19.84
N GLU A 194 11.05 -1.95 19.96
CA GLU A 194 11.56 -1.26 21.15
CA GLU A 194 11.56 -1.26 21.15
C GLU A 194 10.39 -0.50 21.78
N PHE A 195 10.21 -0.66 23.08
CA PHE A 195 9.16 0.06 23.81
C PHE A 195 9.57 1.54 24.00
N LYS A 196 8.63 2.45 23.78
CA LYS A 196 8.81 3.87 24.08
C LYS A 196 7.56 4.43 24.73
N PRO A 197 7.72 5.38 25.65
CA PRO A 197 6.58 6.20 26.02
C PRO A 197 5.98 6.90 24.79
N LEU A 198 4.67 7.15 24.84
CA LEU A 198 3.95 7.70 23.71
C LEU A 198 4.63 8.91 23.07
N GLU A 199 5.00 9.88 23.90
CA GLU A 199 5.54 11.13 23.37
C GLU A 199 6.88 10.99 22.67
N GLU A 200 7.75 10.11 23.16
CA GLU A 200 9.01 9.81 22.46
C GLU A 200 8.78 9.07 21.16
N LEU A 201 7.82 8.14 21.16
CA LEU A 201 7.47 7.45 19.94
C LEU A 201 7.01 8.45 18.84
N LEU A 202 6.14 9.36 19.23
CA LEU A 202 5.63 10.37 18.30
C LEU A 202 6.74 11.29 17.81
N ARG A 203 7.68 11.66 18.67
CA ARG A 203 8.79 12.52 18.21
C ARG A 203 9.68 11.82 17.20
N GLU A 204 9.92 10.53 17.40
CA GLU A 204 10.97 9.83 16.66
C GLU A 204 10.48 9.10 15.43
N SER A 205 9.17 8.95 15.26
CA SER A 205 8.66 8.11 14.16
C SER A 205 8.45 8.86 12.85
N ASP A 206 8.73 8.17 11.75
CA ASP A 206 8.41 8.65 10.40
C ASP A 206 7.02 8.24 9.95
N PHE A 207 6.53 7.16 10.56
CA PHE A 207 5.20 6.58 10.31
C PHE A 207 4.62 6.19 11.66
N VAL A 208 3.41 6.69 11.97
CA VAL A 208 2.71 6.36 13.21
C VAL A 208 1.44 5.63 12.83
N VAL A 209 1.24 4.42 13.39
CA VAL A 209 0.06 3.64 13.12
C VAL A 209 -0.69 3.34 14.40
N LEU A 210 -2.00 3.58 14.40
CA LEU A 210 -2.83 3.42 15.58
C LEU A 210 -3.58 2.10 15.52
N ALA A 211 -3.44 1.32 16.60
CA ALA A 211 -4.01 -0.02 16.72
C ALA A 211 -4.43 -0.33 18.18
N VAL A 212 -5.08 0.66 18.78
CA VAL A 212 -5.60 0.60 20.13
C VAL A 212 -7.11 0.47 20.10
N PRO A 213 -7.70 -0.13 21.14
CA PRO A 213 -9.15 0.00 21.31
C PRO A 213 -9.55 1.42 21.74
N LEU A 214 -10.83 1.76 21.56
CA LEU A 214 -11.39 2.97 22.11
C LEU A 214 -11.77 2.75 23.56
N THR A 215 -11.16 3.55 24.44
CA THR A 215 -11.47 3.57 25.87
C THR A 215 -11.52 5.03 26.32
N LYS A 216 -11.90 5.25 27.59
CA LYS A 216 -11.88 6.62 28.16
C LYS A 216 -10.48 7.19 28.01
N GLU A 217 -9.46 6.34 28.08
CA GLU A 217 -8.08 6.79 28.03
C GLU A 217 -7.56 7.06 26.62
N THR A 218 -8.01 6.30 25.62
CA THR A 218 -7.52 6.52 24.25
C THR A 218 -8.31 7.60 23.52
N TYR A 219 -9.45 8.02 24.08
CA TYR A 219 -10.30 9.03 23.45
C TYR A 219 -9.51 10.31 23.18
N HIS A 220 -9.45 10.73 21.93
CA HIS A 220 -8.70 11.92 21.52
C HIS A 220 -7.24 11.96 22.02
N MET A 221 -6.61 10.79 22.12
CA MET A 221 -5.18 10.76 22.54
C MET A 221 -4.28 11.41 21.51
N ILE A 222 -4.65 11.29 20.25
CA ILE A 222 -3.96 12.00 19.20
C ILE A 222 -4.69 13.33 19.02
N ASN A 223 -4.24 14.29 19.80
CA ASN A 223 -4.83 15.61 19.85
C ASN A 223 -3.83 16.63 19.28
N GLU A 224 -4.14 17.90 19.43
CA GLU A 224 -3.29 18.94 18.91
C GLU A 224 -1.87 18.84 19.45
N GLU A 225 -1.72 18.67 20.76
CA GLU A 225 -0.37 18.60 21.38
C GLU A 225 0.46 17.46 20.82
N ARG A 226 -0.15 16.29 20.67
CA ARG A 226 0.56 15.10 20.13
C ARG A 226 0.87 15.29 18.65
N LEU A 227 -0.03 15.89 17.87
CA LEU A 227 0.25 16.13 16.45
C LEU A 227 1.40 17.12 16.27
N ARG A 228 1.47 18.12 17.14
CA ARG A 228 2.60 19.05 17.10
C ARG A 228 3.96 18.39 17.39
N LEU A 229 3.97 17.32 18.19
CA LEU A 229 5.21 16.59 18.52
C LEU A 229 5.73 15.76 17.34
N MET A 230 4.80 15.33 16.48
CA MET A 230 5.15 14.47 15.36
C MET A 230 6.02 15.23 14.36
N LYS A 231 6.82 14.50 13.58
CA LYS A 231 7.64 15.16 12.57
C LYS A 231 6.78 15.76 11.47
N PRO A 232 7.18 16.92 10.91
CA PRO A 232 6.43 17.46 9.79
C PRO A 232 6.45 16.59 8.52
N THR A 233 7.39 15.66 8.44
CA THR A 233 7.44 14.68 7.34
C THR A 233 6.71 13.36 7.65
N ALA A 234 6.07 13.26 8.82
CA ALA A 234 5.49 11.99 9.23
C ALA A 234 4.13 11.72 8.62
N VAL A 235 3.82 10.44 8.54
CA VAL A 235 2.54 9.95 8.02
C VAL A 235 1.84 9.21 9.15
N LEU A 236 0.58 9.58 9.38
CA LEU A 236 -0.27 8.96 10.39
C LEU A 236 -1.29 8.01 9.74
N VAL A 237 -1.43 6.81 10.28
CA VAL A 237 -2.44 5.84 9.83
C VAL A 237 -3.34 5.42 10.97
N ASN A 238 -4.65 5.54 10.79
CA ASN A 238 -5.63 5.14 11.83
C ASN A 238 -6.48 3.98 11.33
N VAL A 239 -6.19 2.78 11.83
CA VAL A 239 -7.05 1.60 11.65
C VAL A 239 -7.68 1.15 12.98
N ALA A 240 -7.70 2.04 13.96
CA ALA A 240 -8.19 1.71 15.29
C ALA A 240 -9.67 2.07 15.43
N ARG A 241 -9.96 3.24 16.00
CA ARG A 241 -11.28 3.80 16.07
C ARG A 241 -11.15 5.32 15.81
N GLY A 242 -12.16 5.90 15.16
CA GLY A 242 -12.07 7.32 14.77
C GLY A 242 -11.84 8.24 15.96
N LYS A 243 -12.52 7.95 17.04
CA LYS A 243 -12.46 8.80 18.26
C LYS A 243 -11.14 8.79 19.01
N VAL A 244 -10.19 7.96 18.60
CA VAL A 244 -8.83 8.00 19.12
C VAL A 244 -8.12 9.27 18.66
N VAL A 245 -8.56 9.83 17.53
CA VAL A 245 -7.98 11.04 16.96
C VAL A 245 -8.97 12.22 17.05
N ASP A 246 -8.47 13.36 17.48
CA ASP A 246 -9.25 14.61 17.42
C ASP A 246 -9.22 15.12 15.98
N THR A 247 -10.30 14.86 15.26
CA THR A 247 -10.35 15.12 13.80
C THR A 247 -10.11 16.59 13.47
N LYS A 248 -10.66 17.50 14.27
CA LYS A 248 -10.46 18.93 14.02
C LYS A 248 -8.97 19.23 14.08
N ALA A 249 -8.27 18.65 15.06
CA ALA A 249 -6.84 18.90 15.21
C ALA A 249 -6.07 18.28 14.05
N LEU A 250 -6.46 17.08 13.62
CA LEU A 250 -5.82 16.43 12.47
C LEU A 250 -5.96 17.27 11.17
N ILE A 251 -7.13 17.84 10.97
CA ILE A 251 -7.36 18.72 9.79
C ILE A 251 -6.38 19.90 9.83
N ARG A 252 -6.25 20.56 10.98
CA ARG A 252 -5.27 21.66 11.08
C ARG A 252 -3.87 21.12 10.82
N ALA A 253 -3.55 19.95 11.38
CA ALA A 253 -2.20 19.39 11.19
C ALA A 253 -1.86 19.17 9.71
N LEU A 254 -2.80 18.59 8.98
CA LEU A 254 -2.64 18.35 7.54
C LEU A 254 -2.57 19.65 6.72
N LYS A 255 -3.42 20.61 7.07
CA LYS A 255 -3.50 21.84 6.30
C LYS A 255 -2.29 22.71 6.53
N GLU A 256 -1.83 22.75 7.77
CA GLU A 256 -0.74 23.65 8.19
C GLU A 256 0.64 23.00 8.15
N GLY A 257 0.72 21.70 7.85
CA GLY A 257 2.02 21.05 7.73
C GLY A 257 2.67 20.64 9.02
N TRP A 258 1.89 20.37 10.07
CA TRP A 258 2.42 19.82 11.30
C TRP A 258 2.85 18.36 11.08
N ILE A 259 2.11 17.64 10.25
CA ILE A 259 2.50 16.34 9.70
C ILE A 259 2.33 16.36 8.17
N ALA A 260 2.80 15.32 7.48
CA ALA A 260 2.82 15.32 6.03
C ALA A 260 1.49 14.82 5.43
N ALA A 261 0.98 13.74 5.98
CA ALA A 261 -0.14 13.01 5.39
C ALA A 261 -0.77 12.04 6.36
N ALA A 262 -1.96 11.59 6.02
CA ALA A 262 -2.65 10.60 6.82
C ALA A 262 -3.47 9.64 5.99
N GLY A 263 -3.58 8.41 6.48
CA GLY A 263 -4.44 7.38 5.93
C GLY A 263 -5.41 6.96 7.00
N LEU A 264 -6.69 7.09 6.72
CA LEU A 264 -7.76 6.85 7.70
C LEU A 264 -8.80 5.87 7.24
N ASP A 265 -9.04 4.82 8.05
CA ASP A 265 -10.08 3.84 7.77
C ASP A 265 -11.29 4.04 8.66
N VAL A 266 -11.15 4.87 9.70
CA VAL A 266 -12.16 4.99 10.77
C VAL A 266 -12.31 6.46 11.15
N PHE A 267 -13.52 6.81 11.56
CA PHE A 267 -13.93 8.22 11.74
C PHE A 267 -14.82 8.35 12.97
N GLU A 268 -14.96 9.58 13.45
CA GLU A 268 -15.68 9.84 14.70
C GLU A 268 -17.15 9.70 14.51
N GLU A 269 -17.60 9.86 13.28
CA GLU A 269 -18.99 9.56 12.95
C GLU A 269 -18.98 8.77 11.65
N GLU A 270 -19.84 7.76 11.54
CA GLU A 270 -19.83 6.87 10.36
C GLU A 270 -21.26 6.58 9.94
N PRO A 271 -21.56 6.70 8.65
CA PRO A 271 -20.64 7.19 7.61
C PRO A 271 -20.27 8.64 7.81
N TYR A 272 -19.10 9.03 7.31
CA TYR A 272 -18.50 10.35 7.58
C TYR A 272 -18.54 11.25 6.36
N TYR A 273 -18.85 12.51 6.60
CA TYR A 273 -18.76 13.54 5.60
C TYR A 273 -18.15 14.78 6.22
N ASP A 274 -17.08 15.33 5.62
CA ASP A 274 -16.47 16.60 6.05
C ASP A 274 -15.78 17.31 4.88
N GLU A 275 -16.30 18.44 4.47
CA GLU A 275 -15.82 19.15 3.27
C GLU A 275 -14.36 19.56 3.41
N GLU A 276 -13.97 19.99 4.62
CA GLU A 276 -12.60 20.46 4.84
C GLU A 276 -11.60 19.30 4.64
N LEU A 277 -11.84 18.18 5.30
CA LEU A 277 -10.93 17.04 5.18
C LEU A 277 -10.91 16.48 3.77
N PHE A 278 -12.08 16.39 3.15
CA PHE A 278 -12.23 15.82 1.81
C PHE A 278 -11.59 16.67 0.70
N ALA A 279 -11.34 17.95 0.98
CA ALA A 279 -10.61 18.80 0.07
C ALA A 279 -9.09 18.55 0.03
N LEU A 280 -8.55 17.74 0.95
CA LEU A 280 -7.11 17.63 1.12
C LEU A 280 -6.49 16.53 0.28
N ASP A 281 -5.46 16.89 -0.47
CA ASP A 281 -4.68 15.93 -1.26
C ASP A 281 -3.84 14.97 -0.43
N ASN A 282 -3.52 15.36 0.80
CA ASN A 282 -2.60 14.60 1.66
C ASN A 282 -3.33 13.73 2.66
N VAL A 283 -4.61 13.40 2.40
CA VAL A 283 -5.32 12.36 3.16
C VAL A 283 -5.77 11.27 2.20
N VAL A 284 -5.75 10.03 2.68
CA VAL A 284 -6.28 8.85 1.98
C VAL A 284 -7.35 8.26 2.87
N LEU A 285 -8.50 7.93 2.29
CA LEU A 285 -9.71 7.57 3.04
C LEU A 285 -10.22 6.20 2.61
N THR A 286 -10.62 5.35 3.56
CA THR A 286 -11.35 4.13 3.24
C THR A 286 -12.53 4.01 4.18
N PRO A 287 -13.64 3.38 3.74
CA PRO A 287 -14.88 3.38 4.53
C PRO A 287 -15.00 2.23 5.57
N HIS A 288 -14.07 2.22 6.54
CA HIS A 288 -14.06 1.22 7.62
C HIS A 288 -14.06 -0.20 7.08
N ILE A 289 -13.05 -0.49 6.28
CA ILE A 289 -12.95 -1.78 5.58
C ILE A 289 -11.71 -2.59 6.03
N GLY A 290 -11.16 -2.25 7.20
CA GLY A 290 -10.05 -3.00 7.75
C GLY A 290 -10.16 -4.53 7.66
N SER A 291 -11.28 -5.10 8.08
CA SER A 291 -11.44 -6.56 8.08
C SER A 291 -12.13 -7.08 6.84
N ALA A 292 -12.19 -6.26 5.79
CA ALA A 292 -12.95 -6.62 4.57
C ALA A 292 -12.24 -7.56 3.58
N THR A 293 -12.01 -8.80 4.01
CA THR A 293 -11.73 -9.91 3.10
C THR A 293 -12.69 -11.03 3.45
N PHE A 294 -12.98 -11.86 2.45
CA PHE A 294 -13.87 -12.96 2.68
C PHE A 294 -13.34 -13.83 3.78
N GLY A 295 -12.06 -14.15 3.80
CA GLY A 295 -11.52 -15.03 4.84
C GLY A 295 -11.65 -14.48 6.25
N ALA A 296 -11.45 -13.17 6.42
CA ALA A 296 -11.66 -12.56 7.73
C ALA A 296 -13.12 -12.62 8.18
N ARG A 297 -14.00 -12.22 7.28
CA ARG A 297 -15.41 -12.16 7.58
C ARG A 297 -16.01 -13.55 7.83
N GLU A 298 -15.54 -14.55 7.09
CA GLU A 298 -15.94 -15.96 7.31
C GLU A 298 -15.49 -16.47 8.67
N GLY A 299 -14.23 -16.18 9.01
CA GLY A 299 -13.70 -16.57 10.30
C GLY A 299 -14.44 -15.90 11.46
N MET A 300 -14.78 -14.64 11.27
CA MET A 300 -15.60 -13.92 12.25
C MET A 300 -16.96 -14.61 12.46
N ALA A 301 -17.58 -15.04 11.38
CA ALA A 301 -18.89 -15.68 11.45
C ALA A 301 -18.80 -17.03 12.14
N GLU A 302 -17.75 -17.79 11.85
CA GLU A 302 -17.57 -19.10 12.47
C GLU A 302 -17.37 -18.90 13.96
N LEU A 303 -16.62 -17.85 14.32
CA LEU A 303 -16.29 -17.61 15.72
C LEU A 303 -17.46 -17.09 16.55
N VAL A 304 -18.31 -16.22 16.02
CA VAL A 304 -19.51 -15.85 16.77
C VAL A 304 -20.38 -17.08 17.02
N ALA A 305 -20.49 -17.95 16.02
CA ALA A 305 -21.29 -19.16 16.16
C ALA A 305 -20.73 -20.10 17.23
N LYS A 306 -19.42 -20.30 17.20
CA LYS A 306 -18.77 -21.17 18.20
C LYS A 306 -18.97 -20.68 19.62
N ASN A 307 -18.90 -19.37 19.81
CA ASN A 307 -19.12 -18.75 21.12
C ASN A 307 -20.53 -19.01 21.67
N LEU A 308 -21.55 -18.82 20.84
CA LEU A 308 -22.91 -19.04 21.28
C LEU A 308 -23.19 -20.53 21.52
N ILE A 309 -22.63 -21.38 20.68
CA ILE A 309 -22.82 -22.84 20.81
C ILE A 309 -22.11 -23.34 22.06
N ALA A 310 -20.88 -22.89 22.30
CA ALA A 310 -20.17 -23.25 23.54
C ALA A 310 -21.01 -22.86 24.77
N PHE A 311 -21.54 -21.65 24.76
CA PHE A 311 -22.36 -21.18 25.88
C PHE A 311 -23.60 -22.07 26.06
N LYS A 312 -24.27 -22.41 24.95
CA LYS A 312 -25.42 -23.29 25.02
C LYS A 312 -25.05 -24.62 25.66
N ASN A 313 -23.86 -25.12 25.34
CA ASN A 313 -23.34 -26.37 25.88
C ASN A 313 -22.82 -26.29 27.33
N GLY A 314 -22.96 -25.14 27.99
CA GLY A 314 -22.48 -24.97 29.35
C GLY A 314 -20.96 -24.81 29.46
N GLU A 315 -20.33 -24.37 28.39
CA GLU A 315 -18.91 -24.15 28.35
C GLU A 315 -18.61 -22.66 28.45
N VAL A 316 -17.43 -22.33 28.96
CA VAL A 316 -16.94 -20.96 28.88
C VAL A 316 -16.69 -20.62 27.41
N PRO A 317 -17.33 -19.58 26.86
CA PRO A 317 -17.10 -19.27 25.46
C PRO A 317 -15.62 -18.97 25.17
N PRO A 318 -15.11 -19.41 24.02
CA PRO A 318 -13.67 -19.27 23.79
C PRO A 318 -13.15 -17.84 23.69
N THR A 319 -13.93 -16.86 23.28
CA THR A 319 -13.45 -15.46 23.24
C THR A 319 -14.34 -14.54 24.11
N LEU A 320 -14.64 -15.02 25.31
CA LEU A 320 -15.28 -14.23 26.33
C LEU A 320 -14.41 -13.03 26.70
N VAL A 321 -15.02 -11.85 26.67
CA VAL A 321 -14.37 -10.58 27.01
C VAL A 321 -14.46 -10.27 28.49
N ASN A 322 -15.64 -10.44 29.08
CA ASN A 322 -15.88 -10.06 30.48
C ASN A 322 -15.83 -11.27 31.40
N ARG A 323 -14.62 -11.78 31.61
CA ARG A 323 -14.40 -12.98 32.39
C ARG A 323 -14.89 -12.90 33.83
N GLU A 324 -14.96 -11.70 34.41
CA GLU A 324 -15.56 -11.53 35.74
C GLU A 324 -17.01 -12.06 35.84
N VAL A 325 -17.72 -12.12 34.72
CA VAL A 325 -19.09 -12.63 34.71
C VAL A 325 -19.18 -14.11 35.13
N LEU A 326 -18.07 -14.84 34.98
CA LEU A 326 -18.05 -16.25 35.35
C LEU A 326 -18.39 -16.45 36.83
N LYS A 327 -18.02 -15.51 37.68
CA LYS A 327 -18.40 -15.54 39.09
C LYS A 327 -19.88 -15.15 39.32
N VAL A 328 -20.49 -14.45 38.38
CA VAL A 328 -21.87 -13.97 38.55
C VAL A 328 -22.87 -15.05 38.16
N ARG A 329 -22.62 -15.74 37.04
CA ARG A 329 -23.56 -16.75 36.56
C ARG A 329 -22.80 -17.80 35.74
N ARG A 330 -23.20 -19.06 35.92
CA ARG A 330 -22.61 -20.18 35.20
C ARG A 330 -23.06 -20.12 33.74
N PRO A 331 -22.25 -20.61 32.80
CA PRO A 331 -22.70 -20.55 31.40
C PRO A 331 -23.88 -21.48 31.13
N GLY A 332 -24.73 -21.06 30.18
CA GLY A 332 -25.88 -21.86 29.76
C GLY A 332 -27.17 -21.09 29.82
N PHE A 333 -28.14 -21.54 29.04
CA PHE A 333 -29.47 -20.92 29.07
C PHE A 333 -30.33 -21.56 30.14
N LYS B 2 37.40 23.24 -20.73
CA LYS B 2 36.39 22.72 -19.74
C LYS B 2 35.18 22.08 -20.43
N PRO B 3 34.94 20.77 -20.21
CA PRO B 3 33.96 20.08 -21.07
C PRO B 3 32.52 20.56 -20.84
N LYS B 4 31.70 20.50 -21.89
CA LYS B 4 30.33 20.96 -21.83
C LYS B 4 29.38 19.79 -21.66
N VAL B 5 28.40 19.97 -20.79
CA VAL B 5 27.34 18.99 -20.59
C VAL B 5 25.99 19.68 -20.75
N LEU B 6 25.07 19.04 -21.49
CA LEU B 6 23.67 19.41 -21.54
C LEU B 6 22.90 18.42 -20.67
N ILE B 7 22.10 18.95 -19.74
CA ILE B 7 21.21 18.18 -18.87
C ILE B 7 19.81 18.49 -19.39
N THR B 8 19.10 17.46 -19.84
CA THR B 8 17.83 17.63 -20.57
C THR B 8 16.57 17.86 -19.72
N ARG B 9 16.74 17.98 -18.40
CA ARG B 9 15.67 18.35 -17.48
C ARG B 9 16.26 18.88 -16.19
N ALA B 10 15.45 19.63 -15.44
CA ALA B 10 15.81 20.13 -14.13
C ALA B 10 15.81 18.99 -13.08
N ILE B 11 16.91 18.28 -13.05
CA ILE B 11 17.22 17.33 -11.97
C ILE B 11 17.53 18.09 -10.66
N PRO B 12 17.55 17.39 -9.52
CA PRO B 12 17.87 18.07 -8.25
C PRO B 12 19.18 18.84 -8.25
N GLU B 13 19.15 19.97 -7.54
CA GLU B 13 20.25 20.94 -7.54
C GLU B 13 21.58 20.35 -7.06
N ASN B 14 21.56 19.37 -6.14
CA ASN B 14 22.81 18.73 -5.69
C ASN B 14 23.65 18.21 -6.86
N GLY B 15 22.99 17.60 -7.83
CA GLY B 15 23.68 17.03 -8.98
C GLY B 15 24.14 18.12 -9.92
N ILE B 16 23.28 19.10 -10.18
CA ILE B 16 23.62 20.18 -11.10
C ILE B 16 24.85 20.94 -10.56
N GLU B 17 24.82 21.26 -9.27
CA GLU B 17 25.87 22.04 -8.63
C GLU B 17 27.23 21.32 -8.63
N LEU B 18 27.18 20.02 -8.40
CA LEU B 18 28.38 19.19 -8.41
C LEU B 18 28.97 19.18 -9.83
N LEU B 19 28.13 19.05 -10.85
CA LEU B 19 28.60 19.12 -12.23
C LEU B 19 29.17 20.47 -12.62
N ARG B 20 28.59 21.55 -12.09
CA ARG B 20 29.11 22.91 -12.36
C ARG B 20 30.55 23.12 -11.91
N GLU B 21 30.99 22.37 -10.92
CA GLU B 21 32.38 22.44 -10.46
C GLU B 21 33.38 21.90 -11.49
N HIS B 22 32.93 21.04 -12.41
CA HIS B 22 33.83 20.39 -13.37
C HIS B 22 33.46 20.54 -14.84
N PHE B 23 32.26 21.05 -15.13
CA PHE B 23 31.76 21.19 -16.49
C PHE B 23 31.15 22.57 -16.64
N GLU B 24 31.07 23.01 -17.88
CA GLU B 24 30.16 24.06 -18.28
C GLU B 24 28.81 23.39 -18.49
N VAL B 25 27.80 23.83 -17.75
CA VAL B 25 26.52 23.15 -17.70
C VAL B 25 25.41 23.94 -18.35
N GLU B 26 24.70 23.37 -19.32
CA GLU B 26 23.41 23.90 -19.75
C GLU B 26 22.32 22.93 -19.26
N VAL B 27 21.25 23.49 -18.70
CA VAL B 27 20.09 22.73 -18.27
C VAL B 27 18.86 23.19 -19.07
N TRP B 28 18.11 22.24 -19.59
CA TRP B 28 16.79 22.52 -20.13
C TRP B 28 15.81 22.78 -18.96
N GLU B 29 15.35 24.04 -18.90
CA GLU B 29 14.69 24.67 -17.74
C GLU B 29 13.19 24.46 -17.69
N HIS B 30 12.62 23.97 -18.78
CA HIS B 30 11.17 23.84 -18.92
C HIS B 30 10.65 22.52 -18.38
N GLU B 31 9.40 22.55 -17.94
CA GLU B 31 8.72 21.38 -17.41
C GLU B 31 8.60 20.31 -18.49
N HIS B 32 8.11 20.71 -19.67
CA HIS B 32 7.96 19.84 -20.83
C HIS B 32 9.29 19.23 -21.28
N GLU B 33 9.21 18.02 -21.81
CA GLU B 33 10.32 17.33 -22.46
C GLU B 33 10.97 18.26 -23.48
N ILE B 34 12.29 18.24 -23.56
CA ILE B 34 12.98 18.99 -24.61
C ILE B 34 12.50 18.51 -26.00
N PRO B 35 12.05 19.44 -26.86
CA PRO B 35 11.59 19.00 -28.17
C PRO B 35 12.72 18.37 -28.95
N ARG B 36 12.36 17.42 -29.78
CA ARG B 36 13.33 16.65 -30.58
C ARG B 36 14.25 17.56 -31.42
N GLU B 37 13.65 18.53 -32.16
CA GLU B 37 14.41 19.48 -32.99
C GLU B 37 15.35 20.31 -32.11
N VAL B 38 14.90 20.65 -30.90
CA VAL B 38 15.72 21.45 -29.98
C VAL B 38 16.88 20.63 -29.44
N LEU B 39 16.62 19.36 -29.08
CA LEU B 39 17.68 18.45 -28.65
C LEU B 39 18.76 18.36 -29.71
N LEU B 40 18.36 18.06 -30.95
CA LEU B 40 19.33 17.87 -32.05
C LEU B 40 20.17 19.12 -32.32
N GLU B 41 19.60 20.30 -32.09
CA GLU B 41 20.36 21.56 -32.19
C GLU B 41 21.36 21.70 -31.02
N LYS B 42 20.91 21.48 -29.79
CA LYS B 42 21.75 21.72 -28.60
C LYS B 42 22.90 20.72 -28.42
N VAL B 43 22.73 19.48 -28.88
CA VAL B 43 23.80 18.47 -28.76
C VAL B 43 25.01 18.72 -29.64
N LYS B 44 24.90 19.61 -30.62
CA LYS B 44 25.98 19.84 -31.59
C LYS B 44 27.33 20.12 -30.91
N ASP B 45 27.28 20.85 -29.81
CA ASP B 45 28.43 21.44 -29.14
C ASP B 45 28.93 20.64 -27.90
N VAL B 46 28.17 19.63 -27.46
CA VAL B 46 28.41 19.03 -26.13
C VAL B 46 29.41 17.86 -26.11
N ASP B 47 30.13 17.75 -25.00
CA ASP B 47 31.00 16.61 -24.72
C ASP B 47 30.30 15.51 -23.93
N ALA B 48 29.24 15.89 -23.20
CA ALA B 48 28.48 14.97 -22.37
C ALA B 48 27.00 15.33 -22.34
N LEU B 49 26.19 14.33 -22.02
CA LEU B 49 24.75 14.49 -21.86
C LEU B 49 24.29 13.83 -20.57
N VAL B 50 23.36 14.48 -19.89
CA VAL B 50 22.51 13.85 -18.91
C VAL B 50 21.09 13.84 -19.49
N THR B 51 20.56 12.64 -19.66
CA THR B 51 19.29 12.41 -20.35
C THR B 51 18.25 11.79 -19.43
N MET B 52 16.98 12.02 -19.74
CA MET B 52 15.89 11.32 -19.10
C MET B 52 15.42 10.16 -19.99
N LEU B 53 14.60 9.28 -19.43
CA LEU B 53 14.00 8.17 -20.20
C LEU B 53 13.25 8.68 -21.43
N SER B 54 12.85 9.94 -21.41
CA SER B 54 12.07 10.53 -22.50
C SER B 54 12.88 10.86 -23.72
N GLU B 55 14.20 10.95 -23.63
CA GLU B 55 15.01 11.31 -24.82
C GLU B 55 15.49 10.05 -25.53
N LYS B 56 15.21 9.92 -26.83
CA LYS B 56 15.66 8.78 -27.65
C LYS B 56 17.06 9.07 -28.17
N ILE B 57 18.05 8.45 -27.57
CA ILE B 57 19.44 8.69 -27.91
C ILE B 57 19.84 7.61 -28.91
N ASP B 58 19.68 7.95 -30.20
CA ASP B 58 19.83 7.02 -31.31
C ASP B 58 20.91 7.51 -32.30
N ARG B 59 21.09 6.77 -33.39
CA ARG B 59 22.08 7.11 -34.44
C ARG B 59 21.98 8.60 -34.82
N GLU B 60 20.76 9.10 -35.03
CA GLU B 60 20.54 10.50 -35.40
C GLU B 60 21.13 11.50 -34.38
N VAL B 61 20.95 11.23 -33.10
CA VAL B 61 21.54 12.08 -32.06
C VAL B 61 23.06 12.00 -32.08
N PHE B 62 23.60 10.79 -32.20
CA PHE B 62 25.04 10.62 -32.21
C PHE B 62 25.66 11.34 -33.40
N ASP B 63 25.00 11.24 -34.56
CA ASP B 63 25.48 11.94 -35.75
C ASP B 63 25.46 13.45 -35.57
N ALA B 64 24.50 13.97 -34.83
CA ALA B 64 24.44 15.42 -34.55
C ALA B 64 25.44 15.92 -33.49
N ALA B 65 26.07 15.03 -32.73
CA ALA B 65 26.87 15.40 -31.57
C ALA B 65 28.29 14.84 -31.73
N PRO B 66 29.08 15.44 -32.62
CA PRO B 66 30.37 14.86 -32.92
C PRO B 66 31.34 14.81 -31.74
N ARG B 67 31.21 15.68 -30.75
CA ARG B 67 32.12 15.68 -29.58
C ARG B 67 31.64 14.79 -28.43
N LEU B 68 30.47 14.17 -28.57
CA LEU B 68 29.83 13.46 -27.44
C LEU B 68 30.62 12.20 -27.06
N ARG B 69 31.08 12.12 -25.80
CA ARG B 69 31.84 10.96 -25.32
C ARG B 69 31.12 10.10 -24.26
N ILE B 70 30.12 10.66 -23.57
CA ILE B 70 29.45 9.98 -22.47
C ILE B 70 28.00 10.46 -22.32
N VAL B 71 27.09 9.51 -22.14
CA VAL B 71 25.68 9.78 -21.88
C VAL B 71 25.36 9.15 -20.54
N ALA B 72 24.97 9.97 -19.57
CA ALA B 72 24.52 9.49 -18.27
C ALA B 72 23.00 9.56 -18.22
N ASN B 73 22.35 8.41 -18.23
CA ASN B 73 20.88 8.34 -18.12
C ASN B 73 20.51 8.59 -16.66
N TYR B 74 19.56 9.49 -16.45
CA TYR B 74 18.98 9.76 -15.13
C TYR B 74 17.83 8.77 -14.96
N ALA B 75 18.23 7.50 -14.85
CA ALA B 75 17.30 6.34 -14.94
C ALA B 75 18.13 5.06 -14.81
N VAL B 76 17.56 4.01 -14.24
CA VAL B 76 18.23 2.68 -14.27
C VAL B 76 17.96 1.95 -15.59
N GLY B 77 16.74 2.14 -16.11
CA GLY B 77 16.42 1.69 -17.48
C GLY B 77 17.26 2.45 -18.50
N TYR B 78 17.57 1.80 -19.61
CA TYR B 78 18.29 2.44 -20.70
C TYR B 78 17.78 2.00 -22.07
N ASP B 79 16.53 1.55 -22.14
CA ASP B 79 15.90 1.18 -23.43
C ASP B 79 15.75 2.37 -24.37
N ASN B 80 15.85 3.60 -23.85
CA ASN B 80 15.83 4.78 -24.68
C ASN B 80 17.14 5.10 -25.38
N ILE B 81 18.20 4.34 -25.09
CA ILE B 81 19.53 4.60 -25.66
C ILE B 81 19.93 3.44 -26.55
N ASP B 82 20.44 3.74 -27.74
CA ASP B 82 21.01 2.71 -28.61
C ASP B 82 22.45 2.37 -28.15
N ILE B 83 22.52 1.38 -27.27
CA ILE B 83 23.74 0.99 -26.57
C ILE B 83 24.80 0.44 -27.54
N GLU B 84 24.36 -0.42 -28.45
CA GLU B 84 25.29 -0.99 -29.44
C GLU B 84 25.93 0.09 -30.33
N GLU B 85 25.13 1.05 -30.78
CA GLU B 85 25.67 2.16 -31.59
C GLU B 85 26.62 3.03 -30.74
N ALA B 86 26.28 3.27 -29.47
CA ALA B 86 27.17 4.01 -28.57
C ALA B 86 28.53 3.31 -28.45
N THR B 87 28.50 2.00 -28.21
CA THR B 87 29.73 1.20 -28.04
C THR B 87 30.62 1.30 -29.28
N LYS B 88 30.01 1.13 -30.44
CA LYS B 88 30.72 1.19 -31.74
C LYS B 88 31.48 2.52 -31.87
N ARG B 89 30.84 3.59 -31.43
CA ARG B 89 31.44 4.92 -31.46
C ARG B 89 32.34 5.28 -30.26
N GLY B 90 32.57 4.35 -29.35
CA GLY B 90 33.36 4.63 -28.16
C GLY B 90 32.67 5.53 -27.15
N ILE B 91 31.34 5.59 -27.20
CA ILE B 91 30.56 6.43 -26.30
C ILE B 91 30.14 5.61 -25.07
N TYR B 92 30.49 6.13 -23.90
CA TYR B 92 30.17 5.47 -22.63
C TYR B 92 28.73 5.80 -22.25
N VAL B 93 27.99 4.81 -21.74
CA VAL B 93 26.63 5.03 -21.28
C VAL B 93 26.54 4.57 -19.83
N THR B 94 26.03 5.45 -18.96
CA THR B 94 25.84 5.13 -17.55
C THR B 94 24.36 5.24 -17.17
N ASN B 95 24.02 4.60 -16.05
CA ASN B 95 22.65 4.60 -15.53
C ASN B 95 22.66 4.81 -14.01
N THR B 96 21.50 4.71 -13.37
CA THR B 96 21.37 4.96 -11.92
C THR B 96 20.74 3.79 -11.19
N PRO B 97 21.46 2.64 -11.11
CA PRO B 97 20.97 1.52 -10.33
C PRO B 97 21.11 1.80 -8.85
N ASP B 98 20.41 1.01 -8.05
CA ASP B 98 20.56 0.94 -6.59
C ASP B 98 19.96 2.09 -5.82
N VAL B 99 20.31 3.31 -6.19
CA VAL B 99 19.81 4.53 -5.52
C VAL B 99 18.28 4.69 -5.56
N LEU B 100 17.62 4.02 -6.50
CA LEU B 100 16.16 4.10 -6.66
C LEU B 100 15.46 2.76 -6.38
N THR B 101 16.20 1.76 -5.94
CA THR B 101 15.65 0.43 -5.77
C THR B 101 14.51 0.43 -4.74
N ASP B 102 14.75 1.04 -3.60
CA ASP B 102 13.80 1.03 -2.51
C ASP B 102 12.58 1.87 -2.80
N ALA B 103 12.74 3.01 -3.47
CA ALA B 103 11.58 3.80 -3.91
C ALA B 103 10.68 2.99 -4.83
N THR B 104 11.26 2.34 -5.82
CA THR B 104 10.46 1.61 -6.80
C THR B 104 9.79 0.37 -6.20
N ALA B 105 10.52 -0.38 -5.39
CA ALA B 105 9.92 -1.50 -4.67
C ALA B 105 8.81 -1.10 -3.69
N ASP B 106 8.99 0.00 -2.98
CA ASP B 106 7.91 0.58 -2.13
C ASP B 106 6.68 0.87 -2.99
N LEU B 107 6.88 1.49 -4.14
CA LEU B 107 5.74 1.85 -5.02
C LEU B 107 5.03 0.61 -5.53
N ALA B 108 5.79 -0.43 -5.90
CA ALA B 108 5.18 -1.68 -6.36
C ALA B 108 4.27 -2.23 -5.28
N TRP B 109 4.74 -2.20 -4.04
CA TRP B 109 3.96 -2.67 -2.91
C TRP B 109 2.73 -1.79 -2.65
N ALA B 110 2.87 -0.47 -2.84
CA ALA B 110 1.73 0.45 -2.71
C ALA B 110 0.63 0.08 -3.70
N LEU B 111 1.02 -0.18 -4.94
CA LEU B 111 0.09 -0.59 -5.98
C LEU B 111 -0.54 -1.94 -5.71
N LEU B 112 0.26 -2.90 -5.30
CA LEU B 112 -0.24 -4.25 -4.98
C LEU B 112 -1.37 -4.17 -3.93
N LEU B 113 -1.10 -3.49 -2.84
CA LEU B 113 -2.06 -3.38 -1.74
C LEU B 113 -3.27 -2.52 -2.11
N ALA B 114 -3.07 -1.45 -2.86
CA ALA B 114 -4.18 -0.61 -3.29
C ALA B 114 -5.15 -1.37 -4.16
N ALA B 115 -4.61 -2.10 -5.13
CA ALA B 115 -5.44 -2.88 -6.03
C ALA B 115 -6.09 -4.03 -5.29
N ALA B 116 -5.36 -4.66 -4.38
CA ALA B 116 -5.92 -5.81 -3.64
C ALA B 116 -7.07 -5.46 -2.74
N ARG B 117 -7.03 -4.26 -2.13
CA ARG B 117 -8.01 -3.88 -1.10
C ARG B 117 -8.92 -2.70 -1.45
N HIS B 118 -8.96 -2.34 -2.73
CA HIS B 118 -9.87 -1.33 -3.26
C HIS B 118 -9.63 0.06 -2.64
N VAL B 119 -8.38 0.44 -2.39
CA VAL B 119 -8.10 1.74 -1.74
C VAL B 119 -8.54 2.95 -2.57
N VAL B 120 -8.32 2.94 -3.88
CA VAL B 120 -8.75 4.05 -4.73
C VAL B 120 -10.27 4.18 -4.80
N LYS B 121 -10.94 3.07 -5.03
CA LYS B 121 -12.41 3.06 -5.10
C LYS B 121 -13.00 3.41 -3.75
N GLY B 122 -12.41 2.90 -2.68
CA GLY B 122 -12.85 3.23 -1.33
C GLY B 122 -12.72 4.70 -1.01
N ASP B 123 -11.60 5.29 -1.38
CA ASP B 123 -11.39 6.71 -1.13
C ASP B 123 -12.44 7.53 -1.84
N LYS B 124 -12.70 7.21 -3.11
CA LYS B 124 -13.72 7.96 -3.83
C LYS B 124 -15.09 7.77 -3.22
N PHE B 125 -15.39 6.56 -2.77
CA PHE B 125 -16.68 6.26 -2.09
C PHE B 125 -16.88 7.18 -0.88
N VAL B 126 -15.82 7.41 -0.09
CA VAL B 126 -15.92 8.31 1.07
C VAL B 126 -15.96 9.79 0.64
N ARG B 127 -14.94 10.15 -0.13
CA ARG B 127 -14.68 11.55 -0.48
C ARG B 127 -15.80 12.19 -1.28
N SER B 128 -16.45 11.43 -2.14
CA SER B 128 -17.56 11.93 -2.98
C SER B 128 -18.84 12.13 -2.20
N GLY B 129 -18.89 11.63 -0.97
CA GLY B 129 -20.11 11.65 -0.19
C GLY B 129 -21.05 10.48 -0.48
N GLU B 130 -20.64 9.54 -1.32
CA GLU B 130 -21.50 8.36 -1.59
C GLU B 130 -21.77 7.57 -0.30
N TRP B 131 -20.73 7.34 0.50
CA TRP B 131 -20.88 6.63 1.78
C TRP B 131 -21.94 7.27 2.63
N LYS B 132 -21.83 8.58 2.79
CA LYS B 132 -22.78 9.33 3.57
C LYS B 132 -24.17 9.31 2.96
N ARG B 133 -24.26 9.54 1.67
CA ARG B 133 -25.56 9.62 0.98
C ARG B 133 -26.31 8.30 1.13
N ARG B 134 -25.62 7.16 0.99
CA ARG B 134 -26.26 5.85 1.17
C ARG B 134 -26.72 5.56 2.59
N GLY B 135 -26.11 6.22 3.59
CA GLY B 135 -26.61 6.10 4.95
C GLY B 135 -26.23 4.81 5.71
N ILE B 136 -25.33 4.01 5.14
CA ILE B 136 -24.95 2.74 5.74
C ILE B 136 -23.51 2.85 6.23
N ALA B 137 -23.32 2.66 7.52
CA ALA B 137 -21.99 2.77 8.12
C ALA B 137 -21.04 1.65 7.71
N TRP B 138 -21.55 0.44 7.84
CA TRP B 138 -20.70 -0.76 7.81
C TRP B 138 -21.57 -1.93 7.37
N HIS B 139 -20.99 -2.84 6.60
CA HIS B 139 -21.74 -4.00 6.13
C HIS B 139 -20.73 -5.14 5.96
N PRO B 140 -21.11 -6.35 6.38
CA PRO B 140 -20.18 -7.49 6.28
C PRO B 140 -19.68 -7.82 4.86
N LYS B 141 -20.40 -7.39 3.81
CA LYS B 141 -20.00 -7.63 2.41
C LYS B 141 -19.52 -6.39 1.68
N MET B 142 -19.32 -5.27 2.37
CA MET B 142 -18.89 -4.03 1.72
C MET B 142 -17.38 -4.09 1.40
N PHE B 143 -17.04 -3.91 0.12
CA PHE B 143 -15.64 -3.69 -0.31
C PHE B 143 -14.70 -4.86 0.05
N LEU B 144 -15.20 -6.09 -0.06
CA LEU B 144 -14.34 -7.24 0.21
C LEU B 144 -13.23 -7.28 -0.81
N GLY B 145 -12.01 -7.40 -0.32
CA GLY B 145 -10.84 -7.52 -1.15
C GLY B 145 -10.04 -8.78 -0.89
N TYR B 146 -8.79 -8.79 -1.36
CA TYR B 146 -7.98 -10.02 -1.40
C TYR B 146 -6.99 -9.99 -0.25
N ASP B 147 -6.93 -11.11 0.48
CA ASP B 147 -5.86 -11.30 1.45
C ASP B 147 -4.49 -11.24 0.74
N VAL B 148 -3.51 -10.67 1.42
CA VAL B 148 -2.13 -10.66 0.93
C VAL B 148 -1.20 -11.53 1.80
N TYR B 149 -1.28 -11.34 3.12
CA TYR B 149 -0.42 -12.11 4.02
C TYR B 149 -0.54 -13.60 3.75
N GLY B 150 0.61 -14.27 3.65
CA GLY B 150 0.65 -15.73 3.45
C GLY B 150 0.36 -16.22 2.04
N LYS B 151 0.00 -15.35 1.12
CA LYS B 151 -0.29 -15.77 -0.25
C LYS B 151 1.00 -15.91 -1.07
N THR B 152 0.84 -16.19 -2.35
CA THR B 152 1.97 -16.42 -3.23
C THR B 152 2.18 -15.22 -4.13
N ILE B 153 3.40 -14.69 -4.09
CA ILE B 153 3.83 -13.63 -5.00
C ILE B 153 4.77 -14.18 -6.06
N GLY B 154 4.56 -13.75 -7.31
CA GLY B 154 5.39 -14.17 -8.46
C GLY B 154 6.05 -12.94 -9.04
N ILE B 155 7.38 -12.90 -9.02
CA ILE B 155 8.14 -11.71 -9.36
C ILE B 155 8.85 -11.98 -10.66
N VAL B 156 8.48 -11.20 -11.69
CA VAL B 156 8.99 -11.39 -13.03
C VAL B 156 10.14 -10.44 -13.24
N GLY B 157 11.35 -10.99 -13.28
CA GLY B 157 12.59 -10.19 -13.21
C GLY B 157 13.08 -10.20 -11.77
N PHE B 158 14.26 -10.76 -11.52
CA PHE B 158 14.73 -10.92 -10.14
C PHE B 158 16.12 -10.35 -9.99
N GLY B 159 16.20 -9.07 -10.35
CA GLY B 159 17.38 -8.26 -10.17
C GLY B 159 17.25 -7.41 -8.93
N ARG B 160 17.74 -6.19 -9.00
CA ARG B 160 17.77 -5.32 -7.86
C ARG B 160 16.36 -5.03 -7.31
N ILE B 161 15.45 -4.62 -8.21
CA ILE B 161 14.13 -4.20 -7.80
C ILE B 161 13.28 -5.43 -7.47
N GLY B 162 13.35 -6.46 -8.30
CA GLY B 162 12.63 -7.68 -8.01
C GLY B 162 12.98 -8.29 -6.65
N GLN B 163 14.26 -8.36 -6.32
CA GLN B 163 14.68 -8.93 -5.04
C GLN B 163 14.24 -8.03 -3.89
N ALA B 164 14.24 -6.72 -4.08
CA ALA B 164 13.70 -5.80 -3.06
C ALA B 164 12.19 -6.01 -2.82
N ILE B 165 11.45 -6.27 -3.89
CA ILE B 165 10.04 -6.61 -3.80
C ILE B 165 9.87 -7.89 -2.98
N ALA B 166 10.75 -8.86 -3.19
CA ALA B 166 10.74 -10.10 -2.40
C ALA B 166 11.06 -9.89 -0.91
N LYS B 167 11.99 -9.00 -0.59
CA LYS B 167 12.31 -8.72 0.83
C LYS B 167 11.06 -8.21 1.54
N ARG B 168 10.31 -7.33 0.90
CA ARG B 168 9.06 -6.85 1.47
C ARG B 168 8.05 -7.99 1.62
N ALA B 169 7.96 -8.85 0.61
CA ALA B 169 7.04 -10.00 0.65
C ALA B 169 7.29 -10.93 1.83
N LYS B 170 8.53 -10.99 2.27
CA LYS B 170 8.89 -11.81 3.42
C LYS B 170 8.24 -11.27 4.68
N GLY B 171 8.14 -9.95 4.80
CA GLY B 171 7.38 -9.36 5.90
C GLY B 171 5.90 -9.73 5.90
N PHE B 172 5.36 -9.97 4.69
CA PHE B 172 4.01 -10.47 4.52
C PHE B 172 3.90 -12.01 4.53
N GLY B 173 4.92 -12.71 5.00
CA GLY B 173 4.86 -14.17 5.15
C GLY B 173 4.55 -14.95 3.87
N MET B 174 4.94 -14.41 2.72
CA MET B 174 4.49 -14.96 1.43
C MET B 174 5.38 -16.10 0.94
N ARG B 175 4.79 -16.95 0.11
CA ARG B 175 5.56 -17.84 -0.73
C ARG B 175 6.03 -17.00 -1.90
N ILE B 176 7.32 -17.07 -2.22
CA ILE B 176 7.95 -16.19 -3.21
C ILE B 176 8.43 -17.01 -4.40
N LEU B 177 7.88 -16.72 -5.57
CA LEU B 177 8.32 -17.33 -6.83
C LEU B 177 8.98 -16.25 -7.67
N TYR B 178 9.93 -16.62 -8.51
CA TYR B 178 10.53 -15.66 -9.42
C TYR B 178 10.88 -16.28 -10.74
N THR B 179 10.98 -15.43 -11.75
CA THR B 179 11.60 -15.85 -12.99
C THR B 179 12.63 -14.81 -13.41
N ALA B 180 13.62 -15.28 -14.15
CA ALA B 180 14.73 -14.45 -14.63
C ALA B 180 15.39 -15.21 -15.76
N ARG B 181 16.39 -14.63 -16.38
CA ARG B 181 17.12 -15.35 -17.44
C ARG B 181 18.04 -16.44 -16.92
N SER B 182 18.37 -16.38 -15.64
CA SER B 182 19.20 -17.36 -14.97
C SER B 182 18.70 -17.51 -13.52
N ARG B 183 19.02 -18.64 -12.88
CA ARG B 183 18.80 -18.83 -11.50
C ARG B 183 19.72 -17.94 -10.66
N LYS B 184 19.25 -17.61 -9.48
CA LYS B 184 19.93 -16.72 -8.54
C LYS B 184 20.08 -17.47 -7.20
N PRO B 185 21.03 -18.40 -7.12
CA PRO B 185 21.00 -19.31 -5.97
C PRO B 185 21.28 -18.66 -4.62
N GLU B 186 22.12 -17.62 -4.59
CA GLU B 186 22.31 -16.87 -3.34
C GLU B 186 21.06 -16.14 -2.91
N ALA B 187 20.40 -15.48 -3.84
CA ALA B 187 19.10 -14.84 -3.51
C ALA B 187 18.04 -15.85 -3.07
N GLU B 188 18.03 -17.03 -3.65
CA GLU B 188 17.07 -18.07 -3.25
C GLU B 188 17.26 -18.42 -1.80
N LYS B 189 18.51 -18.65 -1.42
CA LYS B 189 18.85 -19.01 -0.05
C LYS B 189 18.51 -17.83 0.87
N GLU B 190 18.85 -16.61 0.49
CA GLU B 190 18.68 -15.47 1.41
C GLU B 190 17.18 -15.12 1.53
N LEU B 191 16.43 -15.18 0.45
CA LEU B 191 15.02 -14.69 0.43
C LEU B 191 13.95 -15.76 0.54
N GLY B 192 14.35 -17.02 0.43
CA GLY B 192 13.39 -18.12 0.34
C GLY B 192 12.59 -18.17 -0.95
N ALA B 193 13.20 -17.71 -2.04
CA ALA B 193 12.50 -17.58 -3.32
C ALA B 193 12.72 -18.85 -4.16
N GLU B 194 11.73 -19.22 -4.97
CA GLU B 194 11.77 -20.41 -5.80
C GLU B 194 11.69 -20.03 -7.27
N PHE B 195 12.64 -20.54 -8.05
CA PHE B 195 12.70 -20.29 -9.50
C PHE B 195 11.60 -21.07 -10.22
N LYS B 196 10.90 -20.40 -11.13
CA LYS B 196 9.85 -21.02 -11.95
C LYS B 196 9.96 -20.55 -13.39
N PRO B 197 9.62 -21.41 -14.35
CA PRO B 197 9.31 -20.88 -15.68
C PRO B 197 8.17 -19.86 -15.62
N LEU B 198 8.17 -18.91 -16.53
CA LEU B 198 7.17 -17.82 -16.51
C LEU B 198 5.73 -18.35 -16.41
N GLU B 199 5.39 -19.30 -17.26
CA GLU B 199 4.01 -19.77 -17.31
C GLU B 199 3.54 -20.49 -16.06
N GLU B 200 4.44 -21.22 -15.38
CA GLU B 200 4.11 -21.83 -14.09
CA GLU B 200 4.10 -21.84 -14.10
C GLU B 200 3.98 -20.79 -12.99
N LEU B 201 4.83 -19.78 -13.02
CA LEU B 201 4.71 -18.66 -12.08
C LEU B 201 3.34 -17.99 -12.20
N LEU B 202 2.93 -17.73 -13.43
CA LEU B 202 1.63 -17.09 -13.69
C LEU B 202 0.49 -17.96 -13.20
N ARG B 203 0.58 -19.27 -13.40
CA ARG B 203 -0.50 -20.15 -12.95
C ARG B 203 -0.63 -20.19 -11.42
N GLU B 204 0.48 -20.12 -10.72
CA GLU B 204 0.50 -20.37 -9.28
C GLU B 204 0.37 -19.12 -8.42
N SER B 205 0.56 -17.92 -9.01
CA SER B 205 0.69 -16.71 -8.17
C SER B 205 -0.65 -16.03 -7.89
N ASP B 206 -0.78 -15.49 -6.67
CA ASP B 206 -1.90 -14.63 -6.29
C ASP B 206 -1.64 -13.17 -6.62
N PHE B 207 -0.36 -12.81 -6.73
CA PHE B 207 0.13 -11.47 -7.05
C PHE B 207 1.30 -11.64 -8.01
N VAL B 208 1.23 -10.99 -9.17
CA VAL B 208 2.31 -11.00 -10.16
C VAL B 208 2.85 -9.59 -10.29
N VAL B 209 4.15 -9.42 -10.08
CA VAL B 209 4.78 -8.10 -10.14
C VAL B 209 5.89 -8.10 -11.20
N LEU B 210 5.86 -7.12 -12.10
CA LEU B 210 6.80 -7.07 -13.21
C LEU B 210 7.93 -6.09 -12.90
N ALA B 211 9.16 -6.57 -13.02
CA ALA B 211 10.37 -5.80 -12.66
C ALA B 211 11.54 -6.15 -13.61
N VAL B 212 11.21 -6.20 -14.90
CA VAL B 212 12.14 -6.52 -15.99
C VAL B 212 12.44 -5.26 -16.79
N PRO B 213 13.61 -5.20 -17.42
CA PRO B 213 13.85 -4.17 -18.43
C PRO B 213 13.00 -4.42 -19.69
N LEU B 214 12.82 -3.37 -20.51
CA LEU B 214 12.23 -3.54 -21.84
C LEU B 214 13.31 -3.96 -22.81
N THR B 215 13.12 -5.14 -23.41
CA THR B 215 14.00 -5.66 -24.47
C THR B 215 13.12 -6.28 -25.55
N LYS B 216 13.74 -6.72 -26.66
CA LYS B 216 13.01 -7.45 -27.73
C LYS B 216 12.29 -8.63 -27.09
N GLU B 217 12.88 -9.24 -26.08
CA GLU B 217 12.32 -10.45 -25.49
C GLU B 217 11.19 -10.17 -24.47
N THR B 218 11.25 -9.05 -23.74
CA THR B 218 10.18 -8.76 -22.79
C THR B 218 9.00 -8.03 -23.41
N TYR B 219 9.15 -7.55 -24.64
CA TYR B 219 8.10 -6.80 -25.32
C TYR B 219 6.82 -7.63 -25.41
N HIS B 220 5.73 -7.11 -24.84
CA HIS B 220 4.43 -7.82 -24.83
C HIS B 220 4.55 -9.27 -24.30
N MET B 221 5.44 -9.53 -23.35
CA MET B 221 5.53 -10.86 -22.74
C MET B 221 4.26 -11.21 -21.96
N ILE B 222 3.66 -10.20 -21.36
CA ILE B 222 2.36 -10.37 -20.73
C ILE B 222 1.32 -10.03 -21.79
N ASN B 223 0.98 -11.04 -22.57
CA ASN B 223 0.01 -10.94 -23.65
C ASN B 223 -1.28 -11.68 -23.29
N GLU B 224 -2.15 -11.85 -24.26
CA GLU B 224 -3.39 -12.57 -24.04
C GLU B 224 -3.17 -13.97 -23.46
N GLU B 225 -2.27 -14.74 -24.08
CA GLU B 225 -2.03 -16.14 -23.62
C GLU B 225 -1.56 -16.19 -22.16
N ARG B 226 -0.66 -15.28 -21.79
CA ARG B 226 -0.16 -15.24 -20.42
C ARG B 226 -1.22 -14.75 -19.43
N LEU B 227 -2.04 -13.77 -19.83
CA LEU B 227 -3.13 -13.30 -18.96
C LEU B 227 -4.17 -14.39 -18.71
N ARG B 228 -4.41 -15.22 -19.73
CA ARG B 228 -5.32 -16.36 -19.56
C ARG B 228 -4.83 -17.39 -18.56
N LEU B 229 -3.53 -17.49 -18.37
CA LEU B 229 -2.95 -18.44 -17.40
C LEU B 229 -3.07 -17.96 -15.94
N MET B 230 -3.23 -16.65 -15.75
CA MET B 230 -3.29 -16.11 -14.38
C MET B 230 -4.61 -16.47 -13.71
N LYS B 231 -4.62 -16.52 -12.39
CA LYS B 231 -5.85 -16.84 -11.66
C LYS B 231 -6.85 -15.70 -11.77
N PRO B 232 -8.15 -16.00 -11.77
CA PRO B 232 -9.15 -14.91 -11.78
C PRO B 232 -9.17 -14.08 -10.48
N THR B 233 -8.57 -14.58 -9.42
CA THR B 233 -8.38 -13.79 -8.19
C THR B 233 -7.05 -13.03 -8.12
N ALA B 234 -6.23 -13.12 -9.15
CA ALA B 234 -4.88 -12.57 -9.08
C ALA B 234 -4.83 -11.12 -9.40
N VAL B 235 -3.83 -10.46 -8.86
CA VAL B 235 -3.57 -9.02 -9.07
C VAL B 235 -2.21 -8.89 -9.75
N LEU B 236 -2.20 -8.15 -10.84
CA LEU B 236 -1.01 -7.82 -11.62
C LEU B 236 -0.52 -6.39 -11.32
N VAL B 237 0.77 -6.23 -11.08
CA VAL B 237 1.40 -4.94 -10.85
C VAL B 237 2.54 -4.72 -11.86
N ASN B 238 2.50 -3.60 -12.58
CA ASN B 238 3.56 -3.28 -13.55
C ASN B 238 4.29 -2.03 -13.10
N VAL B 239 5.52 -2.21 -12.59
CA VAL B 239 6.46 -1.11 -12.33
C VAL B 239 7.69 -1.19 -13.24
N ALA B 240 7.56 -1.92 -14.34
CA ALA B 240 8.69 -2.16 -15.24
C ALA B 240 8.70 -1.13 -16.37
N ARG B 241 8.16 -1.51 -17.52
CA ARG B 241 7.92 -0.63 -18.65
C ARG B 241 6.56 -1.01 -19.24
N GLY B 242 5.83 -0.03 -19.77
CA GLY B 242 4.47 -0.28 -20.27
C GLY B 242 4.43 -1.34 -21.36
N LYS B 243 5.43 -1.28 -22.25
CA LYS B 243 5.49 -2.21 -23.37
C LYS B 243 5.77 -3.67 -23.03
N VAL B 244 6.05 -3.98 -21.77
CA VAL B 244 6.12 -5.36 -21.30
C VAL B 244 4.74 -6.03 -21.34
N VAL B 245 3.69 -5.23 -21.24
CA VAL B 245 2.31 -5.70 -21.24
C VAL B 245 1.57 -5.28 -22.54
N ASP B 246 0.83 -6.21 -23.12
CA ASP B 246 -0.09 -5.89 -24.22
C ASP B 246 -1.35 -5.26 -23.62
N THR B 247 -1.43 -3.94 -23.69
CA THR B 247 -2.48 -3.18 -23.02
C THR B 247 -3.87 -3.58 -23.50
N LYS B 248 -4.03 -3.82 -24.78
CA LYS B 248 -5.34 -4.20 -25.30
C LYS B 248 -5.78 -5.50 -24.65
N ALA B 249 -4.85 -6.44 -24.48
CA ALA B 249 -5.17 -7.73 -23.85
C ALA B 249 -5.50 -7.53 -22.37
N LEU B 250 -4.73 -6.68 -21.71
CA LEU B 250 -4.99 -6.38 -20.28
C LEU B 250 -6.38 -5.78 -20.05
N ILE B 251 -6.80 -4.89 -20.95
CA ILE B 251 -8.14 -4.30 -20.85
C ILE B 251 -9.21 -5.37 -20.90
N ARG B 252 -9.10 -6.29 -21.87
CA ARG B 252 -10.07 -7.39 -21.93
C ARG B 252 -9.98 -8.23 -20.64
N ALA B 253 -8.77 -8.47 -20.18
CA ALA B 253 -8.60 -9.31 -18.95
C ALA B 253 -9.34 -8.69 -17.75
N LEU B 254 -9.15 -7.40 -17.56
CA LEU B 254 -9.80 -6.68 -16.46
C LEU B 254 -11.31 -6.58 -16.61
N LYS B 255 -11.76 -6.33 -17.84
CA LYS B 255 -13.17 -6.14 -18.08
C LYS B 255 -13.92 -7.44 -17.97
N GLU B 256 -13.34 -8.53 -18.48
CA GLU B 256 -14.02 -9.82 -18.53
C GLU B 256 -13.73 -10.72 -17.30
N GLY B 257 -12.83 -10.31 -16.44
CA GLY B 257 -12.58 -11.08 -15.22
C GLY B 257 -11.64 -12.26 -15.40
N TRP B 258 -10.68 -12.15 -16.32
CA TRP B 258 -9.63 -13.15 -16.42
C TRP B 258 -8.68 -13.03 -15.21
N ILE B 259 -8.47 -11.79 -14.75
CA ILE B 259 -7.75 -11.49 -13.51
C ILE B 259 -8.62 -10.58 -12.65
N ALA B 260 -8.21 -10.34 -11.40
CA ALA B 260 -9.03 -9.57 -10.48
C ALA B 260 -8.79 -8.09 -10.61
N ALA B 261 -7.53 -7.69 -10.74
CA ALA B 261 -7.18 -6.28 -10.71
C ALA B 261 -5.76 -6.08 -11.16
N ALA B 262 -5.44 -4.82 -11.42
CA ALA B 262 -4.10 -4.44 -11.78
C ALA B 262 -3.75 -3.08 -11.22
N GLY B 263 -2.46 -2.90 -10.93
CA GLY B 263 -1.85 -1.65 -10.52
C GLY B 263 -0.80 -1.35 -11.54
N LEU B 264 -0.92 -0.20 -12.19
CA LEU B 264 -0.01 0.17 -13.28
C LEU B 264 0.65 1.54 -13.08
N ASP B 265 1.98 1.54 -13.10
CA ASP B 265 2.75 2.76 -13.01
C ASP B 265 3.26 3.22 -14.36
N VAL B 266 3.21 2.34 -15.37
CA VAL B 266 3.87 2.55 -16.64
C VAL B 266 2.95 2.08 -17.77
N PHE B 267 3.09 2.72 -18.92
CA PHE B 267 2.14 2.58 -20.04
C PHE B 267 2.90 2.57 -21.36
N GLU B 268 2.25 2.07 -22.42
CA GLU B 268 2.93 1.92 -23.71
C GLU B 268 3.18 3.24 -24.39
N GLU B 269 2.37 4.21 -24.05
CA GLU B 269 2.64 5.58 -24.45
C GLU B 269 2.40 6.48 -23.24
N GLU B 270 3.23 7.49 -23.07
CA GLU B 270 3.18 8.34 -21.87
C GLU B 270 3.37 9.80 -22.29
N PRO B 271 2.57 10.70 -21.72
CA PRO B 271 1.44 10.37 -20.83
C PRO B 271 0.33 9.61 -21.57
N TYR B 272 -0.46 8.84 -20.85
CA TYR B 272 -1.43 7.90 -21.41
C TYR B 272 -2.85 8.31 -21.03
N TYR B 273 -3.76 8.20 -21.97
CA TYR B 273 -5.20 8.26 -21.70
C TYR B 273 -5.87 7.18 -22.51
N ASP B 274 -6.65 6.31 -21.86
CA ASP B 274 -7.55 5.36 -22.54
C ASP B 274 -8.88 5.26 -21.81
N GLU B 275 -9.96 5.67 -22.49
CA GLU B 275 -11.29 5.76 -21.86
C GLU B 275 -11.76 4.42 -21.30
N GLU B 276 -11.52 3.36 -22.07
CA GLU B 276 -12.00 2.05 -21.69
C GLU B 276 -11.30 1.53 -20.43
N LEU B 277 -9.98 1.59 -20.42
CA LEU B 277 -9.21 1.16 -19.24
C LEU B 277 -9.53 2.00 -18.02
N PHE B 278 -9.62 3.31 -18.22
CA PHE B 278 -9.77 4.25 -17.10
C PHE B 278 -11.19 4.24 -16.52
N ALA B 279 -12.14 3.64 -17.22
CA ALA B 279 -13.48 3.43 -16.67
C ALA B 279 -13.56 2.26 -15.70
N LEU B 280 -12.51 1.46 -15.56
CA LEU B 280 -12.58 0.23 -14.76
C LEU B 280 -12.26 0.47 -13.28
N ASP B 281 -13.11 -0.05 -12.42
CA ASP B 281 -12.87 0.03 -10.96
C ASP B 281 -11.76 -0.85 -10.46
N ASN B 282 -11.39 -1.86 -11.25
CA ASN B 282 -10.37 -2.82 -10.82
C ASN B 282 -8.99 -2.52 -11.41
N VAL B 283 -8.76 -1.27 -11.79
CA VAL B 283 -7.38 -0.80 -12.09
C VAL B 283 -7.03 0.34 -11.15
N VAL B 284 -5.75 0.39 -10.76
CA VAL B 284 -5.17 1.50 -9.99
C VAL B 284 -4.04 2.03 -10.84
N LEU B 285 -3.97 3.36 -10.99
CA LEU B 285 -3.09 4.03 -11.95
C LEU B 285 -2.19 5.03 -11.25
N THR B 286 -0.92 5.06 -11.62
CA THR B 286 -0.02 6.14 -11.16
C THR B 286 0.78 6.62 -12.36
N PRO B 287 1.14 7.92 -12.39
CA PRO B 287 1.81 8.50 -13.57
C PRO B 287 3.36 8.33 -13.61
N HIS B 288 3.81 7.08 -13.63
CA HIS B 288 5.24 6.74 -13.74
C HIS B 288 6.04 7.42 -12.63
N ILE B 289 5.67 7.09 -11.40
CA ILE B 289 6.26 7.67 -10.21
C ILE B 289 7.04 6.66 -9.36
N GLY B 290 7.38 5.51 -9.94
CA GLY B 290 8.16 4.50 -9.22
C GLY B 290 9.34 5.02 -8.38
N SER B 291 10.20 5.84 -9.00
CA SER B 291 11.39 6.35 -8.31
C SER B 291 11.15 7.69 -7.63
N ALA B 292 9.89 8.10 -7.50
CA ALA B 292 9.57 9.46 -7.00
C ALA B 292 9.58 9.57 -5.47
N THR B 293 10.77 9.50 -4.88
CA THR B 293 10.99 9.99 -3.51
C THR B 293 12.12 11.00 -3.52
N PHE B 294 12.07 11.88 -2.53
CA PHE B 294 13.07 12.90 -2.34
C PHE B 294 14.48 12.23 -2.37
N GLY B 295 14.60 11.20 -1.54
CA GLY B 295 15.88 10.51 -1.38
C GLY B 295 16.38 9.85 -2.64
N ALA B 296 15.49 9.19 -3.37
CA ALA B 296 15.88 8.49 -4.60
C ALA B 296 16.29 9.48 -5.67
N ARG B 297 15.52 10.56 -5.85
CA ARG B 297 15.82 11.50 -6.92
C ARG B 297 17.11 12.28 -6.64
N GLU B 298 17.36 12.57 -5.36
CA GLU B 298 18.65 13.18 -4.97
C GLU B 298 19.83 12.26 -5.21
N GLY B 299 19.68 10.99 -4.84
CA GLY B 299 20.71 9.97 -5.06
C GLY B 299 20.99 9.74 -6.53
N MET B 300 19.95 9.76 -7.34
CA MET B 300 20.11 9.71 -8.80
C MET B 300 20.94 10.87 -9.32
N ALA B 301 20.67 12.08 -8.82
CA ALA B 301 21.39 13.26 -9.28
C ALA B 301 22.85 13.21 -8.88
N GLU B 302 23.11 12.75 -7.67
CA GLU B 302 24.49 12.64 -7.21
C GLU B 302 25.23 11.60 -8.07
N LEU B 303 24.54 10.52 -8.42
CA LEU B 303 25.16 9.42 -9.17
C LEU B 303 25.44 9.77 -10.65
N VAL B 304 24.54 10.50 -11.33
CA VAL B 304 24.88 10.96 -12.68
C VAL B 304 26.11 11.86 -12.64
N ALA B 305 26.19 12.72 -11.62
CA ALA B 305 27.35 13.61 -11.46
C ALA B 305 28.64 12.84 -11.22
N LYS B 306 28.59 11.85 -10.34
CA LYS B 306 29.77 11.02 -10.05
C LYS B 306 30.31 10.32 -11.29
N ASN B 307 29.39 9.82 -12.12
CA ASN B 307 29.75 9.12 -13.36
C ASN B 307 30.49 10.04 -14.34
N LEU B 308 29.96 11.25 -14.56
CA LEU B 308 30.59 12.19 -15.48
C LEU B 308 31.92 12.69 -14.93
N ILE B 309 32.01 12.92 -13.63
CA ILE B 309 33.24 13.39 -13.00
C ILE B 309 34.32 12.31 -13.04
N ALA B 310 33.95 11.06 -12.72
CA ALA B 310 34.89 9.95 -12.84
C ALA B 310 35.46 9.87 -14.27
N PHE B 311 34.56 9.96 -15.25
CA PHE B 311 34.97 9.89 -16.66
C PHE B 311 35.93 11.03 -16.99
N LYS B 312 35.62 12.23 -16.54
CA LYS B 312 36.51 13.37 -16.76
C LYS B 312 37.88 13.11 -16.18
N ASN B 313 37.93 12.47 -15.02
CA ASN B 313 39.20 12.12 -14.35
C ASN B 313 39.93 10.90 -14.98
N GLY B 314 39.44 10.35 -16.08
CA GLY B 314 40.07 9.19 -16.69
C GLY B 314 39.79 7.87 -15.98
N GLU B 315 38.73 7.82 -15.19
CA GLU B 315 38.36 6.62 -14.45
C GLU B 315 37.19 5.93 -15.14
N VAL B 316 37.07 4.63 -14.93
CA VAL B 316 35.90 3.91 -15.43
C VAL B 316 34.69 4.36 -14.60
N PRO B 317 33.63 4.87 -15.24
CA PRO B 317 32.51 5.34 -14.47
C PRO B 317 31.89 4.21 -13.62
N PRO B 318 31.47 4.53 -12.38
CA PRO B 318 31.02 3.46 -11.51
C PRO B 318 29.78 2.68 -11.96
N THR B 319 28.88 3.28 -12.73
CA THR B 319 27.71 2.54 -13.23
C THR B 319 27.65 2.54 -14.77
N LEU B 320 28.80 2.25 -15.38
CA LEU B 320 28.89 2.00 -16.80
C LEU B 320 28.04 0.79 -17.18
N VAL B 321 27.19 0.98 -18.18
CA VAL B 321 26.31 -0.06 -18.70
C VAL B 321 26.99 -0.86 -19.80
N ASN B 322 27.65 -0.19 -20.75
CA ASN B 322 28.25 -0.84 -21.92
C ASN B 322 29.74 -1.05 -21.74
N ARG B 323 30.07 -2.02 -20.88
CA ARG B 323 31.46 -2.27 -20.53
C ARG B 323 32.33 -2.68 -21.71
N GLU B 324 31.75 -3.24 -22.77
CA GLU B 324 32.50 -3.50 -24.00
C GLU B 324 33.18 -2.26 -24.60
N VAL B 325 32.65 -1.08 -24.31
CA VAL B 325 33.26 0.16 -24.81
C VAL B 325 34.68 0.39 -24.27
N LEU B 326 34.99 -0.21 -23.13
CA LEU B 326 36.34 -0.09 -22.54
C LEU B 326 37.43 -0.55 -23.51
N LYS B 327 37.14 -1.56 -24.32
CA LYS B 327 38.06 -2.01 -25.36
C LYS B 327 38.13 -1.06 -26.56
N VAL B 328 37.11 -0.24 -26.76
CA VAL B 328 37.04 0.68 -27.90
C VAL B 328 37.80 1.96 -27.62
N ARG B 329 37.64 2.53 -26.43
CA ARG B 329 38.30 3.78 -26.08
C ARG B 329 38.47 3.91 -24.56
N ARG B 330 39.62 4.42 -24.13
CA ARG B 330 39.91 4.65 -22.71
C ARG B 330 39.04 5.82 -22.21
N PRO B 331 38.69 5.85 -20.93
CA PRO B 331 37.85 6.95 -20.43
C PRO B 331 38.55 8.30 -20.46
N GLY B 332 37.79 9.37 -20.66
CA GLY B 332 38.32 10.73 -20.64
C GLY B 332 37.93 11.53 -21.86
N PHE B 333 37.94 12.85 -21.70
CA PHE B 333 37.68 13.75 -22.82
C PHE B 333 38.97 14.01 -23.56
#